data_5W81
#
_entry.id   5W81
#
_cell.length_a   1
_cell.length_b   1
_cell.length_c   1
_cell.angle_alpha   90
_cell.angle_beta   90
_cell.angle_gamma   90
#
_symmetry.space_group_name_H-M   'P 1'
#
loop_
_entity.id
_entity.type
_entity.pdbx_description
1 polymer 'Cystic fibrosis transmembrane conductance regulator'
2 non-polymer "ADENOSINE-5'-TRIPHOSPHATE"
3 non-polymer 'MAGNESIUM ION'
#
_entity_poly.entity_id   1
_entity_poly.type   'polypeptide(L)'
_entity_poly.pdbx_seq_one_letter_code
;MQRSPVEDANCLSRYFFWWTNPIMRKGFKEKLRPSDVYQAPSQDAADILAERLEKEWDREVASGKKKPSLLRAMARCYIK
PFLLFGFLLYIGEATKTVQPQLLGRIIASFDPAHEPERANGYFLAFGLGLLFTARFLLLQPAMFGLHHLGMQIRIALFSI
IYKKTLKLSSRVLDKISTGQLVSLMSANLGKFDQSLGMAHFIWISPLQCILCTGLIWELIDVNSFCALAAISLLGVLQAF
LSHKMGPYKAQKVLLTNKRLALTSEIMENLHSVKAYGWEEIMETLIKNIRQDEVKLTRKIGSLRYFYSSAYFFSAIFVIV
AAVVPHALSRGINLRRIFTTLSYCMVLRMTVTRQLPGSIQMWYDTMRLIWKIEEFLSKEEYKLMEYDLSITELELQDVTA
SWDEGPGELLERIKQENKANGHHNGDAGLFFTNLYVAPVLKDISLKLKKGEMLAVTGSMGSGKSSLLMTILGELVPSSGK
IRHSGRISYSSQTAWIMPGTIRDNILFGLTYDEYRYKSVVKACQLEEDLAALPEKDKTPMAEGGLNLSGGQKARVALARA
VYRDADLYLLDAPFTHLDIATEKEIFDKCLCKLMASKTRILVTNKIEHLKRADKILLLHNGESFFYGTFPELQSERPDFS
SLLLGLEAYDNISAERRCSILTETLHRVSVDESAGMQPERSAFRQVPPTKPMYIDERKASVIVNPLGVARKASFIQVPEE
EVRRTLPDRKFSLVPENELVDESFMGSDVYHNHGVHMAGQRRQSVLAFMTNAQGQGRREHLQSSFRRRLSVVPQSELASE
LDIYTRRLSDSTYDMTGILEEENIEACLTDEIDEIEETFETTKWNTYVRYVSNNKSLLYVLIFILFIAAIEIAGSVAGIF
LITDELWREEHQRSEPNMTKHSNASSSGQTYAITVTPTSSYYILYIYVATSESLLAMGFFRGLPFVHTTITISKKLHQKM
LHAVLSAPMSVLNTMKTGRIMNRFTKDMATIDDMLPLLMFDFVQLTVVVVGCILVVSIVRPYIFLAATPLAIIFIVMRKY
FLRTGQQLKQLETEARSPIFSHLIMSLKGLWTIRAFERQAYFEALFHKTLNTHTATWFLYLSTLRWFLFRADILFVFFFT
LAAWIAVGTNQDKPGEIGIIICLAMLILGTFQWCVATSIAVDGMMRSVDRVFKFIDLPSETPKPDKGKDSDLIIENVDAQ
ADSSWPHRGQIEVRNLTVKYTEAGHAVLKNLSFSAEGRQRVGILGRTGSGKSSLFNALLKLVYTDGEISIDGVNWNKMPL
QKWRKAFGVVPQKVFIFTGPLRMNLDPYGCHSDEELWRVAEEVGLKTVIEQFPDKLDFQLEYGGYVLSNGHKQLICLARS
ILSGARILLLDQPSAHLDPVTIKVLKKTLRQSFSTCTILLSEHKVEPLLECQSFLMMDKGQVKTYDSIQKLLNETSHLKQ
AISPAERLKLFPRRNSSMRTPQSKLSSVTQTLQEEAEDNIQDTRLSNSLEVLFQ
;
_entity_poly.pdbx_strand_id   A
#
loop_
_chem_comp.id
_chem_comp.type
_chem_comp.name
_chem_comp.formula
ATP non-polymer ADENOSINE-5'-TRIPHOSPHATE 'C10 H16 N5 O13 P3'
MG non-polymer 'MAGNESIUM ION' 'Mg 2'
#
# COMPACT_ATOMS: atom_id res chain seq x y z
N MET A 1 -7.99 -22.73 13.76
CA MET A 1 -9.16 -21.80 13.89
C MET A 1 -10.46 -22.58 13.73
N GLN A 2 -11.30 -22.54 14.77
CA GLN A 2 -12.62 -23.18 14.73
C GLN A 2 -13.53 -22.51 13.69
N ARG A 3 -14.41 -23.32 13.09
CA ARG A 3 -15.32 -22.91 12.02
C ARG A 3 -16.33 -21.86 12.54
N SER A 4 -16.77 -21.01 11.62
CA SER A 4 -17.70 -19.91 11.95
C SER A 4 -19.06 -20.44 12.40
N PRO A 5 -19.59 -19.91 13.52
CA PRO A 5 -20.89 -20.37 14.02
C PRO A 5 -22.12 -19.88 13.25
N VAL A 6 -21.93 -18.95 12.31
CA VAL A 6 -23.01 -18.43 11.45
C VAL A 6 -23.80 -19.50 10.66
N GLU A 7 -23.11 -20.56 10.24
CA GLU A 7 -23.74 -21.64 9.45
C GLU A 7 -24.64 -22.49 10.35
N ASP A 8 -24.06 -23.02 11.43
CA ASP A 8 -24.81 -23.78 12.43
C ASP A 8 -25.50 -22.82 13.41
N ALA A 9 -26.60 -22.24 12.94
CA ALA A 9 -27.37 -21.26 13.72
C ALA A 9 -28.77 -21.06 13.15
N ASN A 10 -29.67 -20.56 14.00
CA ASN A 10 -31.05 -20.27 13.61
C ASN A 10 -31.13 -19.01 12.75
N CYS A 11 -32.26 -18.87 12.06
CA CYS A 11 -32.54 -17.67 11.27
C CYS A 11 -32.67 -16.49 12.24
N LEU A 12 -33.55 -16.64 13.21
CA LEU A 12 -33.76 -15.65 14.28
C LEU A 12 -32.44 -15.21 14.93
N SER A 13 -31.52 -16.17 15.10
CA SER A 13 -30.17 -15.89 15.59
C SER A 13 -29.36 -15.03 14.63
N ARG A 14 -29.38 -15.37 13.33
CA ARG A 14 -28.59 -14.63 12.33
C ARG A 14 -29.16 -13.23 12.05
N TYR A 15 -30.48 -13.10 12.19
CA TYR A 15 -31.19 -11.83 11.99
C TYR A 15 -30.86 -10.84 13.10
N PHE A 16 -31.06 -11.27 14.35
CA PHE A 16 -30.79 -10.45 15.53
C PHE A 16 -29.33 -10.47 16.01
N PHE A 17 -28.49 -11.29 15.38
CA PHE A 17 -27.06 -11.41 15.69
C PHE A 17 -26.77 -11.92 17.12
N TRP A 18 -27.49 -12.96 17.55
CA TRP A 18 -27.27 -13.58 18.86
C TRP A 18 -25.96 -14.37 18.90
N TRP A 19 -25.58 -14.95 17.76
CA TRP A 19 -24.32 -15.69 17.64
C TRP A 19 -23.08 -14.88 17.99
N THR A 20 -23.16 -13.55 17.83
CA THR A 20 -22.06 -12.64 18.15
C THR A 20 -21.78 -12.51 19.66
N ASN A 21 -22.73 -12.89 20.52
CA ASN A 21 -22.62 -12.72 21.98
C ASN A 21 -21.30 -13.15 22.67
N PRO A 22 -20.80 -14.38 22.38
CA PRO A 22 -19.55 -14.80 23.03
C PRO A 22 -18.32 -13.95 22.70
N ILE A 23 -18.09 -13.71 21.40
CA ILE A 23 -16.89 -12.98 20.94
C ILE A 23 -16.83 -11.53 21.44
N MET A 24 -17.99 -10.91 21.64
CA MET A 24 -18.07 -9.62 22.33
C MET A 24 -17.68 -9.77 23.80
N ARG A 25 -18.30 -10.75 24.46
CA ARG A 25 -18.08 -11.00 25.90
C ARG A 25 -16.61 -11.29 26.22
N LYS A 26 -15.96 -12.08 25.37
CA LYS A 26 -14.53 -12.38 25.52
C LYS A 26 -13.67 -11.12 25.28
N GLY A 27 -14.06 -10.31 24.29
CA GLY A 27 -13.37 -9.06 23.98
C GLY A 27 -13.53 -7.99 25.04
N PHE A 28 -14.65 -8.02 25.75
CA PHE A 28 -14.92 -7.08 26.85
C PHE A 28 -14.02 -7.33 28.06
N LYS A 29 -13.84 -8.60 28.41
CA LYS A 29 -13.01 -9.01 29.54
C LYS A 29 -11.52 -8.83 29.26
N GLU A 30 -11.04 -9.44 28.18
CA GLU A 30 -9.60 -9.52 27.85
C GLU A 30 -9.30 -9.03 26.43
N LYS A 31 -8.01 -8.88 26.13
CA LYS A 31 -7.55 -8.45 24.81
C LYS A 31 -7.59 -9.59 23.79
N LEU A 32 -7.93 -9.25 22.55
CA LEU A 32 -8.07 -10.22 21.46
C LEU A 32 -6.75 -10.44 20.74
N ARG A 33 -6.61 -11.63 20.16
CA ARG A 33 -5.44 -12.00 19.36
C ARG A 33 -5.90 -12.61 18.03
N PRO A 34 -5.05 -12.58 16.98
CA PRO A 34 -5.35 -13.26 15.70
C PRO A 34 -5.71 -14.75 15.81
N SER A 35 -5.22 -15.42 16.86
CA SER A 35 -5.62 -16.78 17.20
C SER A 35 -7.11 -16.89 17.59
N ASP A 36 -7.62 -15.86 18.26
CA ASP A 36 -8.98 -15.87 18.83
C ASP A 36 -10.09 -15.71 17.78
N VAL A 37 -9.84 -14.91 16.74
CA VAL A 37 -10.87 -14.63 15.70
C VAL A 37 -11.25 -15.87 14.89
N TYR A 38 -12.49 -15.87 14.40
CA TYR A 38 -13.06 -17.03 13.71
C TYR A 38 -12.49 -17.21 12.30
N GLN A 39 -12.77 -18.39 11.75
CA GLN A 39 -12.53 -18.68 10.33
C GLN A 39 -13.61 -17.99 9.50
N ALA A 40 -13.30 -17.72 8.24
CA ALA A 40 -14.26 -17.09 7.33
C ALA A 40 -15.44 -18.01 7.02
N PRO A 41 -16.64 -17.46 6.78
CA PRO A 41 -17.77 -18.33 6.41
C PRO A 41 -17.58 -19.01 5.05
N SER A 42 -18.14 -20.20 4.91
CA SER A 42 -17.99 -21.02 3.70
C SER A 42 -18.68 -20.43 2.47
N GLN A 43 -19.74 -19.64 2.70
CA GLN A 43 -20.50 -18.99 1.62
C GLN A 43 -19.66 -17.98 0.84
N ASP A 44 -18.89 -17.16 1.55
CA ASP A 44 -18.07 -16.10 0.94
C ASP A 44 -16.55 -16.35 1.00
N ALA A 45 -16.16 -17.60 0.77
CA ALA A 45 -14.75 -17.98 0.67
C ALA A 45 -14.17 -17.56 -0.69
N ALA A 46 -12.86 -17.68 -0.83
CA ALA A 46 -12.15 -17.17 -2.01
C ALA A 46 -12.33 -18.03 -3.26
N ASP A 47 -12.07 -19.33 -3.11
CA ASP A 47 -12.06 -20.28 -4.23
C ASP A 47 -13.42 -20.44 -4.95
N ILE A 48 -14.51 -20.31 -4.21
CA ILE A 48 -15.86 -20.50 -4.78
C ILE A 48 -16.29 -19.26 -5.56
N LEU A 49 -16.02 -18.07 -5.02
CA LEU A 49 -16.37 -16.81 -5.68
C LEU A 49 -15.59 -16.56 -6.98
N ALA A 50 -14.33 -17.00 -7.00
CA ALA A 50 -13.47 -16.90 -8.18
C ALA A 50 -13.93 -17.85 -9.29
N GLU A 51 -14.19 -19.11 -8.90
CA GLU A 51 -14.72 -20.14 -9.81
C GLU A 51 -16.08 -19.77 -10.38
N ARG A 52 -16.89 -19.07 -9.58
CA ARG A 52 -18.20 -18.60 -10.02
C ARG A 52 -18.09 -17.58 -11.17
N LEU A 53 -17.39 -16.47 -10.91
CA LEU A 53 -17.33 -15.35 -11.83
C LEU A 53 -16.57 -15.65 -13.11
N GLU A 54 -15.50 -16.43 -13.01
CA GLU A 54 -14.65 -16.74 -14.17
C GLU A 54 -15.39 -17.52 -15.28
N LYS A 55 -16.30 -18.40 -14.90
CA LYS A 55 -17.09 -19.20 -15.85
C LYS A 55 -17.93 -18.32 -16.76
N GLU A 56 -18.67 -17.39 -16.14
CA GLU A 56 -19.54 -16.47 -16.87
C GLU A 56 -18.74 -15.54 -17.77
N TRP A 57 -17.59 -15.08 -17.29
CA TRP A 57 -16.68 -14.25 -18.09
C TRP A 57 -16.08 -15.05 -19.27
N ASP A 58 -15.69 -16.29 -19.00
CA ASP A 58 -15.12 -17.19 -20.02
C ASP A 58 -16.08 -17.39 -21.19
N ARG A 59 -17.32 -17.76 -20.89
CA ARG A 59 -18.35 -17.95 -21.91
C ARG A 59 -18.74 -16.65 -22.62
N GLU A 60 -18.73 -15.54 -21.88
CA GLU A 60 -19.02 -14.22 -22.44
C GLU A 60 -17.93 -13.76 -23.41
N VAL A 61 -16.66 -14.04 -23.06
CA VAL A 61 -15.54 -13.81 -23.99
C VAL A 61 -15.57 -14.79 -25.17
N ALA A 62 -15.90 -16.04 -24.89
CA ALA A 62 -15.92 -17.12 -25.90
C ALA A 62 -17.04 -17.02 -26.94
N SER A 63 -18.13 -16.33 -26.59
CA SER A 63 -19.27 -16.13 -27.51
C SER A 63 -18.93 -15.35 -28.79
N GLY A 64 -17.91 -14.49 -28.71
CA GLY A 64 -17.40 -13.75 -29.87
C GLY A 64 -18.13 -12.45 -30.11
N LYS A 65 -18.19 -11.62 -29.05
CA LYS A 65 -18.80 -10.30 -29.14
C LYS A 65 -17.88 -9.29 -29.84
N LYS A 66 -18.46 -8.17 -30.21
CA LYS A 66 -17.72 -7.05 -30.80
C LYS A 66 -16.82 -6.43 -29.73
N LYS A 67 -17.37 -6.29 -28.53
CA LYS A 67 -16.63 -5.83 -27.36
C LYS A 67 -17.15 -6.56 -26.11
N PRO A 68 -16.34 -7.50 -25.55
CA PRO A 68 -16.76 -8.21 -24.33
C PRO A 68 -16.92 -7.28 -23.12
N SER A 69 -18.07 -7.37 -22.45
CA SER A 69 -18.40 -6.53 -21.29
C SER A 69 -18.40 -7.33 -19.98
N LEU A 70 -17.82 -6.74 -18.93
CA LEU A 70 -17.77 -7.36 -17.60
C LEU A 70 -19.11 -7.33 -16.87
N LEU A 71 -19.92 -6.29 -17.11
CA LEU A 71 -21.24 -6.16 -16.49
C LEU A 71 -22.20 -7.30 -16.85
N ARG A 72 -22.19 -7.71 -18.12
CA ARG A 72 -23.08 -8.78 -18.59
C ARG A 72 -22.74 -10.12 -17.92
N ALA A 73 -21.44 -10.37 -17.73
CA ALA A 73 -20.97 -11.55 -17.02
C ALA A 73 -21.21 -11.44 -15.51
N MET A 74 -20.97 -10.25 -14.95
CA MET A 74 -21.12 -10.00 -13.52
C MET A 74 -22.59 -10.09 -13.07
N ALA A 75 -23.49 -9.52 -13.86
CA ALA A 75 -24.92 -9.44 -13.53
C ALA A 75 -25.60 -10.80 -13.42
N ARG A 76 -25.17 -11.76 -14.23
CA ARG A 76 -25.78 -13.10 -14.27
C ARG A 76 -25.64 -13.90 -12.97
N CYS A 77 -24.64 -13.57 -12.15
CA CYS A 77 -24.38 -14.27 -10.87
C CYS A 77 -24.63 -13.44 -9.60
N TYR A 78 -25.00 -12.16 -9.73
CA TYR A 78 -25.29 -11.29 -8.58
C TYR A 78 -26.61 -10.50 -8.64
N ILE A 79 -27.51 -10.85 -9.56
CA ILE A 79 -28.79 -10.13 -9.72
C ILE A 79 -29.80 -10.51 -8.64
N LYS A 80 -29.76 -11.77 -8.19
CA LYS A 80 -30.78 -12.31 -7.28
C LYS A 80 -30.78 -11.63 -5.91
N PRO A 81 -29.61 -11.50 -5.26
CA PRO A 81 -29.63 -10.81 -3.96
C PRO A 81 -29.80 -9.29 -4.06
N PHE A 82 -29.26 -8.70 -5.14
CA PHE A 82 -29.31 -7.25 -5.38
C PHE A 82 -30.74 -6.71 -5.41
N LEU A 83 -31.61 -7.35 -6.19
CA LEU A 83 -33.02 -6.98 -6.30
C LEU A 83 -33.83 -7.39 -5.05
N LEU A 84 -33.44 -8.50 -4.43
CA LEU A 84 -34.12 -9.01 -3.23
C LEU A 84 -33.90 -8.10 -2.03
N PHE A 85 -32.64 -7.73 -1.78
CA PHE A 85 -32.30 -6.69 -0.78
C PHE A 85 -32.73 -5.30 -1.23
N GLY A 86 -32.70 -5.06 -2.55
CA GLY A 86 -33.20 -3.81 -3.14
C GLY A 86 -34.68 -3.52 -2.91
N PHE A 87 -35.51 -4.55 -3.05
CA PHE A 87 -36.95 -4.46 -2.79
C PHE A 87 -37.27 -4.01 -1.35
N LEU A 88 -36.46 -4.47 -0.39
CA LEU A 88 -36.60 -4.09 1.02
C LEU A 88 -36.27 -2.62 1.25
N LEU A 89 -35.29 -2.09 0.52
CA LEU A 89 -34.94 -0.67 0.60
C LEU A 89 -36.05 0.23 0.06
N TYR A 90 -36.73 -0.23 -1.00
CA TYR A 90 -37.85 0.51 -1.58
C TYR A 90 -39.03 0.58 -0.61
N ILE A 91 -39.50 -0.58 -0.18
CA ILE A 91 -40.64 -0.68 0.76
C ILE A 91 -40.27 -0.07 2.13
N GLY A 92 -38.99 -0.13 2.49
CA GLY A 92 -38.48 0.49 3.71
C GLY A 92 -38.56 2.00 3.68
N GLU A 93 -37.98 2.60 2.64
CA GLU A 93 -37.99 4.06 2.49
C GLU A 93 -39.38 4.60 2.16
N ALA A 94 -40.17 3.83 1.40
CA ALA A 94 -41.56 4.18 1.09
C ALA A 94 -42.45 4.39 2.33
N THR A 95 -42.06 3.78 3.45
CA THR A 95 -42.65 4.05 4.77
C THR A 95 -42.69 5.54 5.12
N LYS A 96 -41.62 6.27 4.79
CA LYS A 96 -41.54 7.72 5.06
C LYS A 96 -42.68 8.49 4.38
N THR A 97 -42.93 8.17 3.11
CA THR A 97 -43.95 8.86 2.28
C THR A 97 -45.35 8.91 2.90
N VAL A 98 -45.72 7.88 3.67
CA VAL A 98 -47.02 7.84 4.38
C VAL A 98 -46.97 8.38 5.83
N GLN A 99 -45.81 8.88 6.26
CA GLN A 99 -45.69 9.54 7.58
C GLN A 99 -46.42 10.90 7.67
N PRO A 100 -46.27 11.77 6.64
CA PRO A 100 -47.00 13.05 6.59
C PRO A 100 -48.50 13.03 6.88
N GLN A 101 -49.21 12.05 6.33
CA GLN A 101 -50.66 11.92 6.52
C GLN A 101 -51.02 11.49 7.95
N LEU A 102 -50.37 10.44 8.41
CA LEU A 102 -50.59 9.89 9.76
C LEU A 102 -50.17 10.89 10.84
N LEU A 103 -49.05 11.57 10.63
CA LEU A 103 -48.62 12.72 11.44
C LEU A 103 -49.66 13.82 11.37
N GLY A 104 -50.12 14.10 10.15
CA GLY A 104 -51.06 15.17 9.86
C GLY A 104 -52.47 15.01 10.39
N ARG A 105 -52.91 13.77 10.62
CA ARG A 105 -54.29 13.52 11.08
C ARG A 105 -54.51 13.86 12.56
N ILE A 106 -53.53 13.51 13.41
CA ILE A 106 -53.64 13.78 14.86
C ILE A 106 -53.56 15.28 15.17
N ILE A 107 -52.61 15.98 14.54
CA ILE A 107 -52.47 17.43 14.68
C ILE A 107 -53.69 18.17 14.11
N ALA A 108 -54.29 17.60 13.05
CA ALA A 108 -55.58 18.06 12.53
C ALA A 108 -56.68 17.86 13.55
N SER A 109 -56.73 16.65 14.12
CA SER A 109 -57.73 16.30 15.13
C SER A 109 -57.40 16.76 16.56
N PHE A 110 -56.39 17.63 16.72
CA PHE A 110 -56.16 18.35 17.98
C PHE A 110 -57.22 19.40 18.31
N ASP A 111 -57.39 20.38 17.43
CA ASP A 111 -58.35 21.50 17.64
C ASP A 111 -59.48 21.64 16.58
N PRO A 112 -60.15 20.54 16.19
CA PRO A 112 -61.34 20.70 15.34
C PRO A 112 -62.56 21.17 16.16
N ALA A 113 -62.68 20.56 17.34
CA ALA A 113 -63.75 20.78 18.30
C ALA A 113 -63.32 19.94 19.49
N HIS A 114 -63.89 20.17 20.65
CA HIS A 114 -63.41 19.52 21.88
C HIS A 114 -63.85 18.06 22.07
N GLU A 115 -65.10 17.76 21.69
CA GLU A 115 -65.75 16.46 22.04
C GLU A 115 -65.70 15.25 21.07
N PRO A 116 -65.63 15.44 19.73
CA PRO A 116 -65.81 14.28 18.81
C PRO A 116 -64.90 13.05 18.99
N GLU A 117 -63.60 13.26 19.23
CA GLU A 117 -62.63 12.15 19.22
C GLU A 117 -61.78 11.99 20.49
N ARG A 118 -61.62 10.73 20.88
CA ARG A 118 -60.72 10.29 21.98
C ARG A 118 -59.71 9.26 21.45
N ALA A 119 -60.22 8.21 20.80
CA ALA A 119 -59.41 7.12 20.24
C ALA A 119 -58.34 7.55 19.24
N ASN A 120 -58.66 8.54 18.40
CA ASN A 120 -57.76 9.03 17.33
C ASN A 120 -56.29 9.21 17.71
N GLY A 121 -56.05 9.68 18.94
CA GLY A 121 -54.70 9.89 19.44
C GLY A 121 -53.93 8.59 19.60
N TYR A 122 -54.45 7.72 20.46
CA TYR A 122 -53.78 6.45 20.82
C TYR A 122 -53.65 5.48 19.63
N PHE A 123 -54.74 5.34 18.87
CA PHE A 123 -54.79 4.44 17.70
C PHE A 123 -53.74 4.83 16.65
N LEU A 124 -53.76 6.10 16.25
CA LEU A 124 -52.81 6.62 15.27
C LEU A 124 -51.40 6.78 15.81
N ALA A 125 -51.26 7.03 17.12
CA ALA A 125 -49.94 7.09 17.77
C ALA A 125 -49.28 5.71 17.83
N PHE A 126 -50.06 4.70 18.23
CA PHE A 126 -49.60 3.31 18.21
C PHE A 126 -49.34 2.84 16.77
N GLY A 127 -50.21 3.26 15.86
CA GLY A 127 -50.00 3.04 14.42
C GLY A 127 -48.72 3.67 13.87
N LEU A 128 -48.40 4.88 14.36
CA LEU A 128 -47.16 5.58 14.00
C LEU A 128 -45.94 4.83 14.52
N GLY A 129 -46.02 4.33 15.75
CA GLY A 129 -45.00 3.47 16.33
C GLY A 129 -44.83 2.15 15.59
N LEU A 130 -45.95 1.52 15.23
CA LEU A 130 -45.96 0.28 14.44
C LEU A 130 -45.33 0.48 13.06
N LEU A 131 -45.83 1.51 12.36
CA LEU A 131 -45.30 1.91 11.06
C LEU A 131 -43.83 2.33 11.10
N PHE A 132 -43.42 2.99 12.19
CA PHE A 132 -42.02 3.36 12.41
C PHE A 132 -41.14 2.12 12.65
N THR A 133 -41.55 1.29 13.62
CA THR A 133 -40.77 0.09 13.97
C THR A 133 -40.72 -0.94 12.85
N ALA A 134 -41.79 -1.03 12.04
CA ALA A 134 -41.78 -1.84 10.82
C ALA A 134 -40.62 -1.48 9.87
N ARG A 135 -40.32 -0.18 9.77
CA ARG A 135 -39.27 0.36 8.90
C ARG A 135 -37.89 -0.20 9.23
N PHE A 136 -37.39 0.06 10.44
CA PHE A 136 -36.03 -0.39 10.80
C PHE A 136 -35.93 -1.92 10.94
N LEU A 137 -37.04 -2.59 11.27
CA LEU A 137 -37.13 -4.05 11.13
C LEU A 137 -36.92 -4.45 9.66
N LEU A 138 -37.61 -3.75 8.76
CA LEU A 138 -37.47 -4.00 7.32
C LEU A 138 -36.14 -3.52 6.72
N LEU A 139 -35.60 -2.43 7.25
CA LEU A 139 -34.48 -1.70 6.64
C LEU A 139 -33.08 -2.23 7.01
N GLN A 140 -32.90 -2.61 8.26
CA GLN A 140 -31.58 -2.99 8.79
C GLN A 140 -30.95 -4.21 8.11
N PRO A 141 -31.70 -5.33 7.96
CA PRO A 141 -31.13 -6.53 7.32
C PRO A 141 -30.70 -6.32 5.86
N ALA A 142 -31.44 -5.48 5.14
CA ALA A 142 -31.12 -5.14 3.75
C ALA A 142 -29.72 -4.54 3.61
N MET A 143 -29.39 -3.59 4.50
CA MET A 143 -28.09 -2.91 4.49
C MET A 143 -26.95 -3.90 4.69
N PHE A 144 -27.07 -4.72 5.73
CA PHE A 144 -26.06 -5.74 6.06
C PHE A 144 -25.88 -6.74 4.93
N GLY A 145 -26.99 -7.25 4.42
CA GLY A 145 -26.98 -8.17 3.29
C GLY A 145 -26.36 -7.57 2.04
N LEU A 146 -26.69 -6.30 1.80
CA LEU A 146 -26.20 -5.58 0.62
C LEU A 146 -24.73 -5.15 0.73
N HIS A 147 -24.25 -4.87 1.94
CA HIS A 147 -22.81 -4.68 2.19
C HIS A 147 -22.06 -5.97 1.93
N HIS A 148 -22.54 -7.03 2.58
CA HIS A 148 -21.98 -8.38 2.47
C HIS A 148 -21.87 -8.86 1.03
N LEU A 149 -22.79 -8.42 0.17
CA LEU A 149 -22.70 -8.68 -1.28
C LEU A 149 -21.48 -8.00 -1.87
N GLY A 150 -21.30 -6.71 -1.56
CA GLY A 150 -20.16 -5.92 -2.05
C GLY A 150 -18.79 -6.49 -1.73
N MET A 151 -18.71 -7.16 -0.58
CA MET A 151 -17.55 -7.95 -0.19
C MET A 151 -17.33 -9.13 -1.13
N GLN A 152 -18.41 -9.84 -1.47
CA GLN A 152 -18.34 -10.97 -2.40
C GLN A 152 -17.97 -10.56 -3.83
N ILE A 153 -18.33 -9.33 -4.21
CA ILE A 153 -17.91 -8.76 -5.51
C ILE A 153 -16.39 -8.53 -5.51
N ARG A 154 -15.92 -7.84 -4.48
CA ARG A 154 -14.53 -7.37 -4.40
C ARG A 154 -13.50 -8.49 -4.24
N ILE A 155 -13.88 -9.57 -3.54
CA ILE A 155 -12.99 -10.74 -3.38
C ILE A 155 -12.81 -11.47 -4.72
N ALA A 156 -13.88 -11.52 -5.51
CA ALA A 156 -13.84 -12.15 -6.84
C ALA A 156 -12.95 -11.37 -7.81
N LEU A 157 -13.07 -10.04 -7.79
CA LEU A 157 -12.28 -9.17 -8.66
C LEU A 157 -10.78 -9.18 -8.36
N PHE A 158 -10.42 -9.19 -7.06
CA PHE A 158 -9.03 -9.33 -6.61
C PHE A 158 -8.46 -10.69 -7.03
N SER A 159 -9.29 -11.72 -7.01
CA SER A 159 -8.88 -13.07 -7.38
C SER A 159 -8.62 -13.18 -8.89
N ILE A 160 -9.57 -12.72 -9.69
CA ILE A 160 -9.47 -12.87 -11.16
C ILE A 160 -8.36 -11.99 -11.77
N ILE A 161 -8.15 -10.80 -11.22
CA ILE A 161 -7.04 -9.92 -11.67
C ILE A 161 -5.66 -10.49 -11.30
N TYR A 162 -5.56 -11.11 -10.12
CA TYR A 162 -4.34 -11.78 -9.70
C TYR A 162 -4.03 -12.97 -10.60
N LYS A 163 -5.05 -13.76 -10.92
CA LYS A 163 -4.92 -14.88 -11.85
C LYS A 163 -4.53 -14.41 -13.26
N LYS A 164 -5.02 -13.23 -13.63
CA LYS A 164 -4.66 -12.61 -14.91
C LYS A 164 -3.21 -12.12 -14.92
N THR A 165 -2.82 -11.33 -13.91
CA THR A 165 -1.48 -10.71 -13.87
C THR A 165 -0.34 -11.73 -13.78
N LEU A 166 -0.63 -12.91 -13.23
CA LEU A 166 0.33 -14.00 -13.13
C LEU A 166 0.67 -14.64 -14.49
N LYS A 167 -0.21 -14.47 -15.48
CA LYS A 167 -0.01 -14.98 -16.86
C LYS A 167 0.05 -13.86 -17.93
N LEU A 168 0.51 -12.68 -17.52
CA LEU A 168 0.61 -11.50 -18.38
C LEU A 168 1.99 -11.46 -19.06
N SER A 169 2.03 -11.10 -20.33
CA SER A 169 3.27 -11.16 -21.13
C SER A 169 4.29 -10.08 -20.78
N SER A 170 5.57 -10.41 -20.98
CA SER A 170 6.69 -9.55 -20.60
C SER A 170 6.83 -8.29 -21.47
N ARG A 171 6.30 -8.33 -22.69
CA ARG A 171 6.30 -7.17 -23.59
C ARG A 171 5.46 -6.03 -23.01
N VAL A 172 4.29 -6.40 -22.46
CA VAL A 172 3.37 -5.45 -21.82
C VAL A 172 3.58 -5.30 -20.30
N LEU A 173 4.23 -6.27 -19.66
CA LEU A 173 4.50 -6.21 -18.22
C LEU A 173 5.38 -5.02 -17.80
N ASP A 174 6.34 -4.68 -18.65
CA ASP A 174 7.21 -3.50 -18.41
C ASP A 174 6.47 -2.15 -18.52
N LYS A 175 5.44 -2.10 -19.37
CA LYS A 175 4.63 -0.89 -19.55
C LYS A 175 3.78 -0.57 -18.32
N ILE A 176 3.15 -1.59 -17.75
CA ILE A 176 2.33 -1.45 -16.53
C ILE A 176 3.23 -1.30 -15.30
N SER A 177 3.07 -0.20 -14.58
CA SER A 177 3.77 0.03 -13.32
C SER A 177 3.02 -0.65 -12.17
N THR A 178 3.77 -1.08 -11.17
CA THR A 178 3.23 -1.80 -10.01
C THR A 178 2.46 -0.91 -9.04
N GLY A 179 2.99 0.29 -8.80
CA GLY A 179 2.42 1.25 -7.85
C GLY A 179 0.96 1.62 -8.10
N GLN A 180 0.64 1.95 -9.35
CA GLN A 180 -0.74 2.30 -9.73
C GLN A 180 -1.69 1.10 -9.63
N LEU A 181 -1.18 -0.09 -9.95
CA LEU A 181 -1.95 -1.34 -9.83
C LEU A 181 -2.27 -1.69 -8.38
N VAL A 182 -1.32 -1.47 -7.48
CA VAL A 182 -1.54 -1.65 -6.04
C VAL A 182 -2.48 -0.56 -5.52
N SER A 183 -2.12 0.69 -5.79
CA SER A 183 -2.91 1.87 -5.39
C SER A 183 -4.36 1.86 -5.91
N LEU A 184 -4.58 1.19 -7.04
CA LEU A 184 -5.94 0.93 -7.53
C LEU A 184 -6.72 0.07 -6.52
N MET A 185 -6.08 -0.98 -6.03
CA MET A 185 -6.71 -1.92 -5.07
C MET A 185 -6.80 -1.35 -3.66
N SER A 186 -5.73 -0.70 -3.20
CA SER A 186 -5.65 -0.15 -1.84
C SER A 186 -6.73 0.88 -1.50
N ALA A 187 -7.16 1.66 -2.50
CA ALA A 187 -8.23 2.64 -2.33
C ALA A 187 -9.60 1.97 -2.22
N ASN A 188 -9.89 1.03 -3.12
CA ASN A 188 -11.19 0.38 -3.21
C ASN A 188 -11.52 -0.57 -2.05
N LEU A 189 -10.51 -1.29 -1.55
CA LEU A 189 -10.69 -2.42 -0.62
C LEU A 189 -11.84 -2.27 0.37
N GLY A 190 -11.82 -1.18 1.13
CA GLY A 190 -12.87 -0.88 2.12
C GLY A 190 -14.06 -0.13 1.55
N LYS A 191 -13.77 0.92 0.76
CA LYS A 191 -14.77 1.84 0.22
C LYS A 191 -15.79 1.13 -0.66
N PHE A 192 -15.31 0.29 -1.58
CA PHE A 192 -16.16 -0.42 -2.55
C PHE A 192 -17.22 -1.32 -1.92
N ASP A 193 -16.87 -1.97 -0.80
CA ASP A 193 -17.79 -2.85 -0.09
C ASP A 193 -18.98 -2.09 0.48
N GLN A 194 -18.69 -1.00 1.20
CA GLN A 194 -19.69 -0.17 1.85
C GLN A 194 -20.50 0.73 0.91
N SER A 195 -20.01 0.95 -0.31
CA SER A 195 -20.58 1.95 -1.21
C SER A 195 -21.89 1.55 -1.90
N LEU A 196 -22.20 0.25 -1.96
CA LEU A 196 -23.36 -0.24 -2.72
C LEU A 196 -24.73 0.26 -2.26
N GLY A 197 -24.88 0.50 -0.96
CA GLY A 197 -26.14 1.01 -0.39
C GLY A 197 -26.59 2.34 -0.98
N MET A 198 -25.63 3.26 -1.17
CA MET A 198 -25.89 4.56 -1.80
C MET A 198 -26.29 4.42 -3.27
N ALA A 199 -25.65 3.49 -3.97
CA ALA A 199 -25.85 3.29 -5.42
C ALA A 199 -27.22 2.76 -5.80
N HIS A 200 -27.84 1.99 -4.91
CA HIS A 200 -29.18 1.44 -5.17
C HIS A 200 -30.31 2.49 -5.21
N PHE A 201 -30.04 3.70 -4.72
CA PHE A 201 -30.99 4.82 -4.76
C PHE A 201 -31.15 5.52 -6.12
N ILE A 202 -30.40 5.10 -7.14
CA ILE A 202 -30.52 5.68 -8.49
C ILE A 202 -31.94 5.59 -9.09
N TRP A 203 -32.65 4.49 -8.80
CA TRP A 203 -34.08 4.35 -9.20
C TRP A 203 -35.11 4.48 -8.07
N ILE A 204 -34.66 4.44 -6.81
CA ILE A 204 -35.54 4.64 -5.65
C ILE A 204 -35.96 6.11 -5.54
N SER A 205 -34.97 7.00 -5.56
CA SER A 205 -35.19 8.45 -5.40
C SER A 205 -36.10 9.07 -6.48
N PRO A 206 -35.82 8.80 -7.78
CA PRO A 206 -36.75 9.27 -8.82
C PRO A 206 -38.18 8.74 -8.70
N LEU A 207 -38.32 7.45 -8.37
CA LEU A 207 -39.65 6.83 -8.22
C LEU A 207 -40.38 7.39 -7.00
N GLN A 208 -39.65 7.60 -5.91
CA GLN A 208 -40.19 8.16 -4.68
C GLN A 208 -40.54 9.65 -4.80
N CYS A 209 -39.67 10.44 -5.41
CA CYS A 209 -39.87 11.89 -5.51
C CYS A 209 -41.06 12.30 -6.40
N ILE A 210 -41.34 11.52 -7.45
CA ILE A 210 -42.52 11.72 -8.31
C ILE A 210 -43.81 11.45 -7.54
N LEU A 211 -43.82 10.35 -6.79
CA LEU A 211 -44.95 9.99 -5.92
C LEU A 211 -45.11 11.00 -4.77
N CYS A 212 -43.99 11.52 -4.28
CA CYS A 212 -43.95 12.52 -3.22
C CYS A 212 -44.49 13.86 -3.69
N THR A 213 -43.97 14.34 -4.82
CA THR A 213 -44.44 15.59 -5.44
C THR A 213 -45.89 15.47 -5.95
N GLY A 214 -46.25 14.25 -6.36
CA GLY A 214 -47.64 13.93 -6.71
C GLY A 214 -48.62 14.05 -5.55
N LEU A 215 -48.16 13.69 -4.35
CA LEU A 215 -48.97 13.83 -3.14
C LEU A 215 -49.01 15.25 -2.59
N ILE A 216 -47.91 15.99 -2.71
CA ILE A 216 -47.89 17.42 -2.34
C ILE A 216 -48.61 18.27 -3.41
N TRP A 217 -48.78 17.74 -4.62
CA TRP A 217 -49.63 18.36 -5.65
C TRP A 217 -51.12 18.45 -5.25
N GLU A 218 -51.54 17.69 -4.24
CA GLU A 218 -52.87 17.86 -3.61
C GLU A 218 -53.16 19.30 -3.19
N LEU A 219 -52.10 20.09 -2.98
CA LEU A 219 -52.20 21.55 -2.98
C LEU A 219 -52.37 22.06 -4.42
N ILE A 220 -53.61 22.41 -4.78
CA ILE A 220 -53.95 22.95 -6.11
C ILE A 220 -53.15 24.22 -6.48
N ASP A 221 -52.82 25.01 -5.47
CA ASP A 221 -52.27 26.34 -5.67
C ASP A 221 -50.86 26.36 -6.23
N VAL A 222 -50.61 27.36 -7.07
CA VAL A 222 -49.25 27.71 -7.56
C VAL A 222 -48.24 27.91 -6.42
N ASN A 223 -48.76 28.18 -5.23
CA ASN A 223 -48.00 28.06 -3.97
C ASN A 223 -47.14 26.79 -3.89
N SER A 224 -47.69 25.66 -4.34
CA SER A 224 -46.93 24.40 -4.37
C SER A 224 -45.80 24.45 -5.40
N PHE A 225 -46.09 25.04 -6.56
CA PHE A 225 -45.12 25.24 -7.65
C PHE A 225 -43.92 26.10 -7.22
N CYS A 226 -44.19 27.11 -6.39
CA CYS A 226 -43.14 27.93 -5.76
C CYS A 226 -42.31 27.14 -4.73
N ALA A 227 -42.99 26.30 -3.94
CA ALA A 227 -42.35 25.51 -2.88
C ALA A 227 -41.32 24.52 -3.41
N LEU A 228 -41.70 23.75 -4.43
CA LEU A 228 -40.81 22.73 -5.02
C LEU A 228 -39.56 23.34 -5.68
N ALA A 229 -39.73 24.52 -6.28
CA ALA A 229 -38.63 25.24 -6.97
C ALA A 229 -37.40 25.50 -6.09
N ALA A 230 -37.62 25.66 -4.79
CA ALA A 230 -36.53 25.74 -3.80
C ALA A 230 -35.68 24.47 -3.74
N ILE A 231 -36.31 23.31 -3.93
CA ILE A 231 -35.62 22.02 -3.94
C ILE A 231 -34.76 21.88 -5.22
N SER A 232 -35.32 22.30 -6.35
CA SER A 232 -34.65 22.20 -7.65
C SER A 232 -33.38 23.03 -7.72
N LEU A 233 -33.49 24.30 -7.32
CA LEU A 233 -32.34 25.21 -7.28
C LEU A 233 -31.24 24.70 -6.34
N LEU A 234 -31.64 24.23 -5.16
CA LEU A 234 -30.72 23.60 -4.21
C LEU A 234 -30.05 22.36 -4.80
N GLY A 235 -30.85 21.52 -5.46
CA GLY A 235 -30.36 20.31 -6.13
C GLY A 235 -29.35 20.57 -7.24
N VAL A 236 -29.62 21.58 -8.06
CA VAL A 236 -28.69 21.99 -9.12
C VAL A 236 -27.46 22.71 -8.53
N LEU A 237 -27.67 23.49 -7.46
CA LEU A 237 -26.56 24.11 -6.71
C LEU A 237 -25.62 23.07 -6.10
N GLN A 238 -26.21 21.97 -5.61
CA GLN A 238 -25.44 20.85 -5.04
C GLN A 238 -24.53 20.24 -6.09
N ALA A 239 -25.12 19.89 -7.23
CA ALA A 239 -24.41 19.29 -8.37
C ALA A 239 -23.46 20.26 -9.08
N PHE A 240 -23.74 21.56 -8.97
CA PHE A 240 -22.84 22.60 -9.50
C PHE A 240 -21.50 22.61 -8.75
N LEU A 241 -21.58 22.54 -7.42
CA LEU A 241 -20.38 22.46 -6.56
C LEU A 241 -19.55 21.20 -6.81
N SER A 242 -20.24 20.07 -7.03
CA SER A 242 -19.59 18.80 -7.35
C SER A 242 -18.80 18.83 -8.68
N HIS A 243 -19.21 19.69 -9.61
CA HIS A 243 -18.49 19.88 -10.87
C HIS A 243 -17.14 20.55 -10.64
N LYS A 244 -17.15 21.64 -9.87
CA LYS A 244 -15.92 22.42 -9.59
C LYS A 244 -14.84 21.62 -8.85
N MET A 245 -15.27 20.64 -8.05
CA MET A 245 -14.36 19.73 -7.35
C MET A 245 -13.57 18.84 -8.31
N GLY A 246 -14.19 18.45 -9.43
CA GLY A 246 -13.64 17.50 -10.41
C GLY A 246 -12.20 17.71 -10.87
N PRO A 247 -11.92 18.84 -11.56
CA PRO A 247 -10.57 19.10 -12.08
C PRO A 247 -9.48 19.24 -11.01
N TYR A 248 -9.82 19.85 -9.87
CA TYR A 248 -8.91 19.93 -8.72
C TYR A 248 -8.65 18.55 -8.09
N LYS A 249 -9.72 17.78 -7.89
CA LYS A 249 -9.63 16.46 -7.27
C LYS A 249 -8.89 15.46 -8.17
N ALA A 250 -9.14 15.53 -9.48
CA ALA A 250 -8.50 14.63 -10.44
C ALA A 250 -7.01 14.94 -10.60
N GLN A 251 -6.67 16.22 -10.61
CA GLN A 251 -5.28 16.69 -10.71
C GLN A 251 -4.45 16.36 -9.47
N LYS A 252 -5.11 16.28 -8.31
CA LYS A 252 -4.42 15.99 -7.04
C LYS A 252 -3.99 14.53 -6.92
N VAL A 253 -4.89 13.59 -7.23
CA VAL A 253 -4.62 12.13 -7.18
C VAL A 253 -3.36 11.74 -7.96
N LEU A 254 -3.17 12.35 -9.12
CA LEU A 254 -1.94 12.23 -9.90
C LEU A 254 -0.70 12.75 -9.13
N LEU A 255 -0.84 13.91 -8.49
CA LEU A 255 0.24 14.50 -7.69
C LEU A 255 0.54 13.72 -6.40
N THR A 256 -0.45 13.00 -5.87
CA THR A 256 -0.26 12.06 -4.74
C THR A 256 0.56 10.84 -5.16
N ASN A 257 0.15 10.22 -6.26
CA ASN A 257 0.82 9.04 -6.83
C ASN A 257 2.33 9.19 -7.02
N LYS A 258 2.78 10.41 -7.31
CA LYS A 258 4.22 10.74 -7.35
C LYS A 258 4.90 10.54 -6.00
N ARG A 259 4.26 11.02 -4.93
CA ARG A 259 4.83 10.92 -3.58
C ARG A 259 4.87 9.48 -3.06
N LEU A 260 3.75 8.75 -3.20
CA LEU A 260 3.65 7.36 -2.75
C LEU A 260 4.61 6.43 -3.51
N ALA A 261 4.88 6.78 -4.77
CA ALA A 261 5.92 6.11 -5.55
C ALA A 261 7.32 6.38 -5.00
N LEU A 262 7.59 7.64 -4.67
CA LEU A 262 8.89 8.05 -4.11
C LEU A 262 9.16 7.52 -2.69
N THR A 263 8.14 7.52 -1.83
CA THR A 263 8.26 6.96 -0.48
C THR A 263 8.48 5.44 -0.49
N SER A 264 7.89 4.76 -1.46
CA SER A 264 8.17 3.33 -1.69
C SER A 264 9.63 3.07 -2.08
N GLU A 265 10.22 3.96 -2.88
CA GLU A 265 11.63 3.85 -3.28
C GLU A 265 12.58 4.04 -2.11
N ILE A 266 12.46 5.19 -1.43
CA ILE A 266 13.35 5.56 -0.32
C ILE A 266 13.34 4.54 0.83
N MET A 267 12.18 3.94 1.10
CA MET A 267 12.02 3.01 2.23
C MET A 267 12.34 1.55 1.90
N GLU A 268 12.40 1.21 0.61
CA GLU A 268 12.91 -0.11 0.18
C GLU A 268 14.44 -0.15 0.19
N ASN A 269 15.07 0.92 -0.31
CA ASN A 269 16.53 1.10 -0.25
C ASN A 269 16.90 2.02 0.92
N LEU A 270 16.45 1.65 2.11
CA LEU A 270 16.59 2.50 3.31
C LEU A 270 17.98 2.39 3.92
N HIS A 271 18.69 1.30 3.62
CA HIS A 271 20.05 1.08 4.08
C HIS A 271 21.04 2.01 3.40
N SER A 272 20.89 2.16 2.08
CA SER A 272 21.76 3.01 1.26
C SER A 272 21.58 4.49 1.54
N VAL A 273 20.33 4.94 1.64
CA VAL A 273 20.01 6.37 1.80
C VAL A 273 20.62 7.01 3.07
N LYS A 274 20.75 6.22 4.14
CA LYS A 274 21.40 6.66 5.38
C LYS A 274 22.90 6.77 5.24
N ALA A 275 23.51 5.81 4.53
CA ALA A 275 24.97 5.76 4.33
C ALA A 275 25.52 6.99 3.59
N TYR A 276 24.75 7.53 2.64
CA TYR A 276 25.11 8.78 1.96
C TYR A 276 24.91 9.98 2.88
N GLY A 277 23.78 9.98 3.59
CA GLY A 277 23.35 11.11 4.42
C GLY A 277 22.30 11.97 3.73
N TRP A 278 21.28 11.32 3.16
CA TRP A 278 20.20 11.99 2.44
C TRP A 278 18.88 11.88 3.19
N GLU A 279 18.78 12.54 4.34
CA GLU A 279 17.53 12.61 5.09
C GLU A 279 16.81 13.90 4.73
N GLU A 280 17.46 15.03 5.04
CA GLU A 280 16.87 16.36 4.82
C GLU A 280 16.65 16.68 3.33
N ILE A 281 17.51 16.14 2.47
CA ILE A 281 17.38 16.33 1.02
C ILE A 281 16.10 15.64 0.56
N MET A 282 15.94 14.38 0.94
CA MET A 282 14.75 13.60 0.59
C MET A 282 13.49 14.18 1.21
N GLU A 283 13.60 14.60 2.48
CA GLU A 283 12.54 15.33 3.17
C GLU A 283 12.13 16.58 2.38
N THR A 284 13.12 17.33 1.88
CA THR A 284 12.86 18.50 1.01
C THR A 284 12.22 18.11 -0.33
N LEU A 285 12.72 17.03 -0.94
CA LEU A 285 12.13 16.50 -2.17
C LEU A 285 10.66 16.09 -2.01
N ILE A 286 10.34 15.44 -0.88
CA ILE A 286 8.95 15.08 -0.54
C ILE A 286 8.13 16.33 -0.18
N LYS A 287 8.74 17.27 0.55
CA LYS A 287 8.06 18.49 1.01
C LYS A 287 7.54 19.41 -0.11
N ASN A 288 8.18 19.39 -1.28
CA ASN A 288 7.76 20.23 -2.42
C ASN A 288 6.44 19.76 -3.04
N ILE A 289 6.42 18.48 -3.44
CA ILE A 289 5.20 17.86 -3.99
C ILE A 289 4.07 17.78 -2.95
N ARG A 290 4.46 17.62 -1.68
CA ARG A 290 3.55 17.75 -0.54
C ARG A 290 2.98 19.17 -0.43
N GLN A 291 3.86 20.17 -0.56
CA GLN A 291 3.47 21.60 -0.56
C GLN A 291 2.51 21.91 -1.70
N ASP A 292 2.81 21.37 -2.89
CA ASP A 292 1.92 21.52 -4.04
C ASP A 292 0.57 20.82 -3.83
N GLU A 293 0.59 19.64 -3.20
CA GLU A 293 -0.63 18.85 -2.97
C GLU A 293 -1.64 19.51 -2.02
N VAL A 294 -1.15 20.03 -0.89
CA VAL A 294 -2.00 20.64 0.14
C VAL A 294 -2.73 21.88 -0.38
N LYS A 295 -2.07 22.64 -1.27
CA LYS A 295 -2.67 23.81 -1.91
C LYS A 295 -3.99 23.48 -2.62
N LEU A 296 -4.03 22.36 -3.32
CA LEU A 296 -5.26 21.88 -3.99
C LEU A 296 -6.31 21.38 -3.00
N THR A 297 -5.86 20.71 -1.93
CA THR A 297 -6.75 20.21 -0.87
C THR A 297 -7.58 21.30 -0.20
N ARG A 298 -6.97 22.49 -0.02
CA ARG A 298 -7.66 23.66 0.52
C ARG A 298 -8.89 24.02 -0.30
N LYS A 299 -8.72 24.05 -1.62
CA LYS A 299 -9.81 24.35 -2.56
C LYS A 299 -10.86 23.24 -2.61
N ILE A 300 -10.42 21.99 -2.51
CA ILE A 300 -11.33 20.83 -2.47
C ILE A 300 -12.16 20.86 -1.18
N GLY A 301 -11.53 21.19 -0.07
CA GLY A 301 -12.22 21.33 1.22
C GLY A 301 -13.17 22.51 1.30
N SER A 302 -12.73 23.66 0.79
CA SER A 302 -13.53 24.90 0.78
C SER A 302 -14.83 24.80 -0.01
N LEU A 303 -14.79 24.10 -1.15
CA LEU A 303 -15.99 23.80 -1.94
C LEU A 303 -16.85 22.75 -1.24
N ARG A 304 -16.21 21.73 -0.66
CA ARG A 304 -16.91 20.68 0.09
C ARG A 304 -17.54 21.18 1.40
N TYR A 305 -17.08 22.33 1.90
CA TYR A 305 -17.74 23.00 3.02
C TYR A 305 -19.15 23.50 2.67
N PHE A 306 -19.26 24.30 1.60
CA PHE A 306 -20.55 24.84 1.13
C PHE A 306 -21.54 23.75 0.71
N TYR A 307 -21.02 22.65 0.17
CA TYR A 307 -21.79 21.42 -0.09
C TYR A 307 -22.58 21.00 1.15
N SER A 308 -21.92 21.00 2.30
CA SER A 308 -22.55 20.66 3.58
C SER A 308 -23.39 21.82 4.14
N SER A 309 -22.81 23.03 4.10
CA SER A 309 -23.44 24.23 4.68
C SER A 309 -24.75 24.62 3.99
N ALA A 310 -24.82 24.45 2.67
CA ALA A 310 -26.04 24.73 1.90
C ALA A 310 -27.20 23.79 2.25
N TYR A 311 -26.88 22.55 2.65
CA TYR A 311 -27.89 21.58 3.11
C TYR A 311 -28.51 21.98 4.45
N PHE A 312 -27.69 22.43 5.39
CA PHE A 312 -28.17 22.81 6.73
C PHE A 312 -28.92 24.15 6.74
N PHE A 313 -28.46 25.11 5.94
CA PHE A 313 -29.11 26.44 5.83
C PHE A 313 -30.45 26.45 5.08
N SER A 314 -30.72 25.41 4.29
CA SER A 314 -31.92 25.35 3.44
C SER A 314 -33.26 25.08 4.16
N ALA A 315 -33.23 24.69 5.43
CA ALA A 315 -34.45 24.42 6.21
C ALA A 315 -35.32 25.66 6.42
N ILE A 316 -34.68 26.77 6.78
CA ILE A 316 -35.34 28.09 6.86
C ILE A 316 -35.95 28.46 5.51
N PHE A 317 -35.16 28.33 4.44
CA PHE A 317 -35.58 28.76 3.10
C PHE A 317 -36.69 27.89 2.50
N VAL A 318 -36.63 26.57 2.72
CA VAL A 318 -37.61 25.64 2.16
C VAL A 318 -38.95 25.67 2.88
N ILE A 319 -38.93 25.81 4.20
CA ILE A 319 -40.15 25.79 5.03
C ILE A 319 -41.04 27.01 4.76
N VAL A 320 -40.43 28.19 4.71
CA VAL A 320 -41.16 29.44 4.41
C VAL A 320 -41.77 29.46 3.00
N ALA A 321 -41.18 28.70 2.08
CA ALA A 321 -41.70 28.58 0.72
C ALA A 321 -42.99 27.76 0.61
N ALA A 322 -43.37 27.06 1.68
CA ALA A 322 -44.64 26.32 1.74
C ALA A 322 -45.75 27.15 2.37
N VAL A 323 -45.49 27.62 3.59
CA VAL A 323 -46.50 28.28 4.41
C VAL A 323 -46.86 29.71 3.95
N VAL A 324 -45.85 30.51 3.64
CA VAL A 324 -46.01 31.95 3.38
C VAL A 324 -46.76 32.21 2.06
N PRO A 325 -46.44 31.43 1.00
CA PRO A 325 -47.30 31.50 -0.18
C PRO A 325 -48.74 31.05 0.10
N HIS A 326 -48.92 30.03 0.93
CA HIS A 326 -50.27 29.57 1.24
C HIS A 326 -51.08 30.56 2.09
N ALA A 327 -50.39 31.46 2.78
CA ALA A 327 -51.04 32.59 3.46
C ALA A 327 -51.80 33.54 2.52
N LEU A 328 -51.34 33.65 1.28
CA LEU A 328 -52.05 34.43 0.25
C LEU A 328 -53.40 33.83 -0.13
N SER A 329 -53.43 32.51 -0.32
CA SER A 329 -54.61 31.80 -0.85
C SER A 329 -55.21 30.84 0.17
N ARG A 330 -56.35 31.22 0.73
CA ARG A 330 -57.12 30.39 1.68
C ARG A 330 -56.26 30.14 2.92
N GLY A 331 -55.87 31.25 3.56
CA GLY A 331 -54.83 31.26 4.57
C GLY A 331 -55.11 30.54 5.88
N ILE A 332 -54.03 30.32 6.62
CA ILE A 332 -54.00 29.65 7.94
C ILE A 332 -54.85 28.36 8.03
N ASN A 333 -54.40 27.33 7.32
CA ASN A 333 -55.10 26.04 7.33
C ASN A 333 -54.88 25.28 8.64
N LEU A 334 -55.86 24.46 8.97
CA LEU A 334 -55.90 23.73 10.25
C LEU A 334 -54.76 22.72 10.36
N ARG A 335 -54.47 22.05 9.24
CA ARG A 335 -53.53 20.92 9.21
C ARG A 335 -52.73 20.68 7.92
N ARG A 336 -52.99 21.45 6.86
CA ARG A 336 -52.39 21.20 5.55
C ARG A 336 -50.91 21.59 5.50
N ILE A 337 -50.55 22.65 6.20
CA ILE A 337 -49.16 23.14 6.26
C ILE A 337 -48.17 22.11 6.84
N PHE A 338 -48.62 21.34 7.82
CA PHE A 338 -47.77 20.35 8.50
C PHE A 338 -47.44 19.19 7.57
N THR A 339 -48.46 18.72 6.86
CA THR A 339 -48.33 17.68 5.84
C THR A 339 -47.37 18.14 4.74
N THR A 340 -47.64 19.34 4.23
CA THR A 340 -46.80 20.01 3.22
C THR A 340 -45.34 20.15 3.67
N LEU A 341 -45.16 20.50 4.95
CA LEU A 341 -43.82 20.68 5.54
C LEU A 341 -43.04 19.36 5.57
N SER A 342 -43.70 18.32 6.06
CA SER A 342 -43.10 16.98 6.13
C SER A 342 -42.78 16.42 4.75
N TYR A 343 -43.70 16.60 3.81
CA TYR A 343 -43.45 16.23 2.40
C TYR A 343 -42.32 17.07 1.78
N CYS A 344 -42.23 18.34 2.17
CA CYS A 344 -41.16 19.24 1.69
C CYS A 344 -39.77 18.80 2.17
N MET A 345 -39.66 18.41 3.43
CA MET A 345 -38.37 17.97 4.00
C MET A 345 -37.92 16.61 3.47
N VAL A 346 -38.79 15.61 3.55
CA VAL A 346 -38.48 14.25 3.07
C VAL A 346 -38.07 14.25 1.58
N LEU A 347 -38.68 15.14 0.80
CA LEU A 347 -38.26 15.39 -0.58
C LEU A 347 -36.87 16.01 -0.63
N ARG A 348 -36.63 17.02 0.21
CA ARG A 348 -35.35 17.73 0.25
C ARG A 348 -34.19 16.80 0.61
N MET A 349 -34.44 15.93 1.59
CA MET A 349 -33.48 14.90 2.02
C MET A 349 -33.02 14.03 0.85
N THR A 350 -33.98 13.53 0.08
CA THR A 350 -33.72 12.64 -1.05
C THR A 350 -32.86 13.30 -2.14
N VAL A 351 -33.18 14.54 -2.47
CA VAL A 351 -32.44 15.30 -3.49
C VAL A 351 -31.04 15.71 -2.99
N THR A 352 -30.95 16.11 -1.73
CA THR A 352 -29.66 16.55 -1.14
C THR A 352 -28.70 15.41 -0.82
N ARG A 353 -29.19 14.35 -0.17
CA ARG A 353 -28.33 13.27 0.37
C ARG A 353 -28.21 12.02 -0.50
N GLN A 354 -29.32 11.51 -1.00
CA GLN A 354 -29.36 10.19 -1.66
C GLN A 354 -28.81 10.22 -3.08
N LEU A 355 -29.46 11.01 -3.93
CA LEU A 355 -29.23 10.96 -5.39
C LEU A 355 -27.82 11.39 -5.83
N PRO A 356 -27.22 12.41 -5.17
CA PRO A 356 -25.81 12.72 -5.44
C PRO A 356 -24.86 11.59 -5.06
N GLY A 357 -25.06 11.01 -3.88
CA GLY A 357 -24.32 9.83 -3.43
C GLY A 357 -24.54 8.58 -4.27
N SER A 358 -25.71 8.48 -4.91
CA SER A 358 -26.01 7.39 -5.83
C SER A 358 -25.23 7.52 -7.13
N ILE A 359 -25.38 8.65 -7.80
CA ILE A 359 -24.63 8.95 -9.04
C ILE A 359 -23.13 9.17 -8.81
N GLN A 360 -22.73 9.41 -7.56
CA GLN A 360 -21.32 9.43 -7.18
C GLN A 360 -20.67 8.07 -7.42
N MET A 361 -21.33 7.00 -6.95
CA MET A 361 -20.77 5.66 -7.07
C MET A 361 -20.82 5.13 -8.49
N TRP A 362 -21.99 5.17 -9.12
CA TRP A 362 -22.15 4.65 -10.50
C TRP A 362 -21.19 5.29 -11.52
N TYR A 363 -20.92 6.58 -11.35
CA TYR A 363 -19.98 7.30 -12.21
C TYR A 363 -18.53 6.86 -11.96
N ASP A 364 -18.22 6.54 -10.70
CA ASP A 364 -16.88 6.08 -10.29
C ASP A 364 -16.63 4.63 -10.71
N THR A 365 -17.62 3.76 -10.47
CA THR A 365 -17.52 2.32 -10.64
C THR A 365 -17.38 1.90 -12.10
N MET A 366 -18.10 2.57 -13.00
CA MET A 366 -18.01 2.26 -14.43
C MET A 366 -16.58 2.41 -14.97
N ARG A 367 -15.85 3.44 -14.53
CA ARG A 367 -14.45 3.62 -14.90
C ARG A 367 -13.56 2.52 -14.32
N LEU A 368 -13.87 2.08 -13.10
CA LEU A 368 -13.20 0.93 -12.50
C LEU A 368 -13.46 -0.36 -13.30
N ILE A 369 -14.71 -0.59 -13.69
CA ILE A 369 -15.11 -1.73 -14.54
C ILE A 369 -14.47 -1.64 -15.93
N TRP A 370 -14.32 -0.44 -16.48
CA TRP A 370 -13.64 -0.26 -17.78
C TRP A 370 -12.15 -0.63 -17.73
N LYS A 371 -11.46 -0.23 -16.66
CA LYS A 371 -10.03 -0.51 -16.50
C LYS A 371 -9.70 -1.99 -16.27
N ILE A 372 -10.53 -2.68 -15.48
CA ILE A 372 -10.37 -4.11 -15.22
C ILE A 372 -10.68 -4.91 -16.49
N GLU A 373 -11.71 -4.49 -17.22
CA GLU A 373 -12.09 -5.07 -18.52
C GLU A 373 -10.97 -4.89 -19.55
N GLU A 374 -10.35 -3.71 -19.54
CA GLU A 374 -9.16 -3.43 -20.35
C GLU A 374 -7.95 -4.28 -19.93
N PHE A 375 -7.73 -4.39 -18.62
CA PHE A 375 -6.63 -5.17 -18.04
C PHE A 375 -6.76 -6.68 -18.30
N LEU A 376 -7.99 -7.21 -18.24
CA LEU A 376 -8.26 -8.61 -18.56
C LEU A 376 -8.06 -8.93 -20.05
N SER A 377 -8.28 -7.94 -20.92
CA SER A 377 -8.08 -8.07 -22.35
C SER A 377 -6.71 -7.49 -22.75
N LYS A 378 -5.66 -8.24 -22.42
CA LYS A 378 -4.27 -7.89 -22.74
C LYS A 378 -3.50 -9.11 -23.22
N GLU A 379 -2.24 -8.90 -23.63
CA GLU A 379 -1.40 -9.96 -24.17
C GLU A 379 -1.09 -11.03 -23.11
N GLU A 380 -1.35 -12.29 -23.45
CA GLU A 380 -1.27 -13.41 -22.52
C GLU A 380 -0.02 -14.25 -22.77
N TYR A 381 0.58 -14.76 -21.69
CA TYR A 381 1.74 -15.65 -21.77
C TYR A 381 1.32 -17.06 -22.22
N LYS A 382 2.15 -17.68 -23.05
CA LYS A 382 1.89 -19.03 -23.58
C LYS A 382 2.71 -20.07 -22.82
N LEU A 383 2.03 -21.06 -22.25
CA LEU A 383 2.69 -22.14 -21.49
C LEU A 383 3.31 -23.16 -22.45
N MET A 384 4.52 -23.60 -22.11
CA MET A 384 5.30 -24.50 -22.97
C MET A 384 4.78 -25.93 -22.89
N GLU A 385 4.42 -26.50 -24.04
CA GLU A 385 3.98 -27.90 -24.12
C GLU A 385 5.18 -28.84 -23.96
N TYR A 386 5.04 -29.82 -23.05
CA TYR A 386 6.10 -30.79 -22.76
C TYR A 386 5.87 -32.12 -23.49
N ASP A 387 6.85 -32.53 -24.29
CA ASP A 387 6.82 -33.80 -25.02
C ASP A 387 8.21 -34.43 -25.03
N LEU A 388 8.26 -35.75 -24.89
CA LEU A 388 9.51 -36.50 -24.70
C LEU A 388 10.28 -36.85 -25.99
N SER A 389 9.62 -36.72 -27.15
CA SER A 389 10.22 -37.08 -28.44
C SER A 389 11.46 -36.25 -28.80
N ILE A 390 11.47 -34.99 -28.37
CA ILE A 390 12.59 -34.09 -28.60
C ILE A 390 13.55 -34.23 -27.40
N THR A 391 14.84 -34.41 -27.70
CA THR A 391 15.88 -34.64 -26.66
C THR A 391 17.01 -33.59 -26.57
N GLU A 392 17.23 -32.79 -27.63
CA GLU A 392 18.25 -31.72 -27.60
C GLU A 392 17.75 -30.47 -28.36
N LEU A 393 18.15 -29.29 -27.88
CA LEU A 393 17.58 -28.01 -28.34
C LEU A 393 18.09 -27.62 -29.73
N GLU A 394 17.21 -26.98 -30.50
CA GLU A 394 17.50 -26.57 -31.89
C GLU A 394 17.01 -25.16 -32.17
N LEU A 395 17.96 -24.28 -32.53
CA LEU A 395 17.67 -22.90 -32.97
C LEU A 395 18.17 -22.68 -34.41
N GLN A 396 17.46 -21.82 -35.14
CA GLN A 396 17.82 -21.47 -36.52
C GLN A 396 17.30 -20.09 -36.93
N ASP A 397 18.22 -19.17 -37.19
CA ASP A 397 17.93 -17.82 -37.71
C ASP A 397 16.99 -17.02 -36.80
N VAL A 398 17.31 -17.01 -35.51
CA VAL A 398 16.46 -16.39 -34.49
C VAL A 398 16.66 -14.87 -34.50
N THR A 399 15.58 -14.13 -34.74
CA THR A 399 15.58 -12.67 -34.74
C THR A 399 14.44 -12.20 -33.82
N ALA A 400 14.76 -11.30 -32.90
CA ALA A 400 13.79 -10.83 -31.90
C ALA A 400 14.18 -9.50 -31.25
N SER A 401 13.15 -8.77 -30.83
CA SER A 401 13.30 -7.44 -30.21
C SER A 401 12.14 -7.08 -29.28
N TRP A 402 12.45 -6.30 -28.24
CA TRP A 402 11.45 -5.82 -27.28
C TRP A 402 10.65 -4.66 -27.89
N ASP A 403 9.33 -4.80 -27.87
CA ASP A 403 8.39 -3.69 -28.17
C ASP A 403 8.35 -3.14 -29.61
N GLU A 404 9.08 -3.78 -30.53
CA GLU A 404 9.01 -3.46 -31.97
C GLU A 404 8.22 -4.53 -32.74
N GLY A 405 8.51 -5.80 -32.48
CA GLY A 405 7.77 -6.93 -33.06
C GLY A 405 6.42 -7.14 -32.40
N ALA A 437 16.32 -1.20 -34.24
CA ALA A 437 17.26 -2.29 -34.43
C ALA A 437 16.87 -3.50 -33.58
N PRO A 438 17.22 -4.73 -34.04
CA PRO A 438 16.84 -5.93 -33.29
C PRO A 438 17.75 -6.22 -32.09
N VAL A 439 17.17 -6.82 -31.05
CA VAL A 439 17.93 -7.22 -29.85
C VAL A 439 18.78 -8.46 -30.15
N LEU A 440 18.13 -9.48 -30.72
CA LEU A 440 18.82 -10.65 -31.29
C LEU A 440 18.59 -10.68 -32.79
N LYS A 441 19.62 -11.07 -33.55
CA LYS A 441 19.55 -11.08 -35.02
C LYS A 441 20.21 -12.33 -35.65
N ASP A 442 19.36 -13.25 -36.13
CA ASP A 442 19.78 -14.42 -36.92
C ASP A 442 20.80 -15.32 -36.20
N ILE A 443 20.41 -15.80 -35.02
CA ILE A 443 21.26 -16.70 -34.22
C ILE A 443 21.13 -18.13 -34.74
N SER A 444 22.24 -18.86 -34.72
CA SER A 444 22.28 -20.28 -35.08
C SER A 444 23.09 -21.06 -34.04
N LEU A 445 22.47 -22.09 -33.45
CA LEU A 445 23.15 -22.96 -32.48
C LEU A 445 22.55 -24.39 -32.39
N LYS A 446 23.44 -25.37 -32.18
CA LYS A 446 23.13 -26.79 -32.25
C LYS A 446 23.85 -27.52 -31.12
N LEU A 447 23.13 -27.75 -30.02
CA LEU A 447 23.65 -28.40 -28.81
C LEU A 447 23.07 -29.80 -28.62
N LYS A 448 23.93 -30.79 -28.44
CA LYS A 448 23.53 -32.17 -28.10
C LYS A 448 23.30 -32.33 -26.60
N LYS A 449 22.76 -33.50 -26.22
CA LYS A 449 22.56 -33.86 -24.83
C LYS A 449 23.89 -34.05 -24.11
N GLY A 450 23.90 -33.71 -22.82
CA GLY A 450 25.11 -33.85 -21.98
C GLY A 450 26.26 -32.96 -22.39
N GLU A 451 25.95 -31.69 -22.67
CA GLU A 451 26.96 -30.70 -23.09
C GLU A 451 26.68 -29.35 -22.46
N MET A 452 27.75 -28.61 -22.14
CA MET A 452 27.62 -27.25 -21.59
C MET A 452 28.12 -26.21 -22.59
N LEU A 453 27.28 -25.20 -22.85
CA LEU A 453 27.62 -24.08 -23.74
C LEU A 453 28.05 -22.87 -22.90
N ALA A 454 29.01 -22.11 -23.44
CA ALA A 454 29.48 -20.88 -22.79
C ALA A 454 29.09 -19.63 -23.59
N VAL A 455 28.14 -18.88 -23.05
CA VAL A 455 27.74 -17.57 -23.61
C VAL A 455 28.74 -16.53 -23.09
N THR A 456 29.05 -15.55 -23.94
CA THR A 456 30.05 -14.53 -23.59
C THR A 456 29.97 -13.30 -24.49
N GLY A 457 30.38 -12.17 -23.93
CA GLY A 457 30.33 -10.88 -24.64
C GLY A 457 30.42 -9.69 -23.69
N SER A 458 30.10 -8.52 -24.23
CA SER A 458 30.17 -7.25 -23.49
C SER A 458 28.82 -6.90 -22.85
N MET A 459 28.77 -5.74 -22.18
CA MET A 459 27.53 -5.21 -21.62
C MET A 459 26.49 -5.02 -22.73
N GLY A 460 25.29 -5.53 -22.49
CA GLY A 460 24.15 -5.30 -23.40
C GLY A 460 24.26 -5.98 -24.75
N SER A 461 25.03 -7.06 -24.82
CA SER A 461 25.18 -7.85 -26.04
C SER A 461 23.93 -8.69 -26.34
N GLY A 462 23.09 -8.90 -25.32
CA GLY A 462 21.87 -9.70 -25.43
C GLY A 462 22.04 -11.12 -24.92
N LYS A 463 22.76 -11.28 -23.81
CA LYS A 463 23.02 -12.59 -23.23
C LYS A 463 21.81 -13.10 -22.43
N SER A 464 21.14 -12.18 -21.74
CA SER A 464 19.90 -12.51 -21.02
C SER A 464 18.72 -12.79 -21.96
N SER A 465 18.61 -11.96 -23.02
CA SER A 465 17.52 -12.08 -24.00
C SER A 465 17.48 -13.45 -24.71
N LEU A 466 18.67 -13.97 -25.00
CA LEU A 466 18.82 -15.32 -25.55
C LEU A 466 18.26 -16.39 -24.60
N LEU A 467 18.51 -16.23 -23.30
CA LEU A 467 17.90 -17.09 -22.27
C LEU A 467 16.39 -16.85 -22.18
N MET A 468 15.96 -15.60 -22.31
CA MET A 468 14.53 -15.25 -22.31
C MET A 468 13.76 -15.86 -23.50
N THR A 469 14.38 -15.92 -24.67
CA THR A 469 13.78 -16.57 -25.85
C THR A 469 13.68 -18.09 -25.69
N ILE A 470 14.75 -18.70 -25.19
CA ILE A 470 14.79 -20.15 -24.90
C ILE A 470 13.77 -20.52 -23.80
N LEU A 471 13.68 -19.65 -22.79
CA LEU A 471 12.71 -19.79 -21.70
C LEU A 471 11.26 -19.76 -22.19
N GLY A 472 11.00 -18.93 -23.20
CA GLY A 472 9.65 -18.73 -23.77
C GLY A 472 8.92 -17.49 -23.26
N GLU A 473 9.66 -16.56 -22.66
CA GLU A 473 9.10 -15.30 -22.16
C GLU A 473 9.01 -14.30 -23.30
N LEU A 474 10.12 -14.14 -24.02
CA LEU A 474 10.17 -13.30 -25.23
C LEU A 474 9.95 -14.16 -26.48
N VAL A 475 8.96 -13.77 -27.29
CA VAL A 475 8.58 -14.50 -28.50
C VAL A 475 9.40 -13.97 -29.68
N PRO A 476 10.05 -14.87 -30.45
CA PRO A 476 10.85 -14.42 -31.59
C PRO A 476 9.98 -14.08 -32.81
N SER A 477 10.33 -13.01 -33.51
CA SER A 477 9.55 -12.54 -34.67
C SER A 477 9.69 -13.44 -35.89
N SER A 478 10.89 -13.47 -36.46
CA SER A 478 11.19 -14.27 -37.66
C SER A 478 12.29 -15.26 -37.34
N GLY A 479 11.91 -16.51 -37.11
CA GLY A 479 12.84 -17.59 -36.78
C GLY A 479 12.21 -18.62 -35.85
N LYS A 480 12.41 -19.90 -36.18
CA LYS A 480 11.85 -21.01 -35.40
C LYS A 480 12.85 -21.45 -34.33
N ILE A 481 12.33 -21.73 -33.13
CA ILE A 481 13.11 -22.19 -31.97
C ILE A 481 12.42 -23.39 -31.33
N ARG A 482 13.17 -24.49 -31.17
CA ARG A 482 12.59 -25.77 -30.75
C ARG A 482 13.37 -26.42 -29.61
N HIS A 483 12.65 -26.96 -28.62
CA HIS A 483 13.28 -27.64 -27.48
C HIS A 483 12.29 -28.51 -26.69
N SER A 484 12.85 -29.34 -25.81
CA SER A 484 12.09 -30.09 -24.81
C SER A 484 11.63 -29.15 -23.69
N GLY A 485 10.48 -29.47 -23.11
CA GLY A 485 9.72 -28.53 -22.27
C GLY A 485 10.33 -28.05 -20.95
N ARG A 486 10.72 -29.00 -20.10
CA ARG A 486 11.17 -28.68 -18.73
C ARG A 486 12.53 -27.97 -18.70
N ILE A 487 12.55 -26.81 -18.04
CA ILE A 487 13.72 -25.93 -17.96
C ILE A 487 13.87 -25.44 -16.51
N SER A 488 15.11 -25.37 -16.03
CA SER A 488 15.43 -24.64 -14.80
C SER A 488 16.10 -23.32 -15.15
N TYR A 489 16.11 -22.40 -14.19
CA TYR A 489 16.60 -21.04 -14.43
C TYR A 489 17.08 -20.36 -13.14
N SER A 490 18.30 -19.82 -13.18
CA SER A 490 18.86 -19.04 -12.08
C SER A 490 19.14 -17.61 -12.57
N SER A 491 18.45 -16.65 -11.95
CA SER A 491 18.48 -15.26 -12.40
C SER A 491 19.80 -14.55 -12.10
N GLN A 492 19.97 -13.40 -12.76
CA GLN A 492 21.15 -12.56 -12.56
C GLN A 492 21.04 -11.80 -11.23
N THR A 493 19.88 -11.18 -11.01
CA THR A 493 19.52 -10.60 -9.70
C THR A 493 18.62 -11.60 -8.96
N ALA A 494 19.21 -12.33 -8.01
CA ALA A 494 18.52 -13.40 -7.30
C ALA A 494 17.57 -12.84 -6.25
N TRP A 495 16.34 -13.36 -6.24
CA TRP A 495 15.32 -12.96 -5.26
C TRP A 495 14.93 -14.13 -4.35
N ILE A 496 14.47 -13.78 -3.14
CA ILE A 496 14.22 -14.73 -2.05
C ILE A 496 12.80 -14.55 -1.51
N MET A 497 12.07 -15.66 -1.39
CA MET A 497 10.69 -15.66 -0.88
C MET A 497 10.67 -15.44 0.63
N PRO A 498 9.53 -14.98 1.17
CA PRO A 498 9.37 -14.87 2.62
C PRO A 498 9.12 -16.24 3.26
N GLY A 499 10.15 -16.80 3.89
CA GLY A 499 10.03 -18.06 4.61
C GLY A 499 11.37 -18.50 5.18
N THR A 500 11.75 -19.74 4.88
CA THR A 500 13.01 -20.33 5.33
C THR A 500 13.96 -20.64 4.16
N ILE A 501 15.23 -20.81 4.47
CA ILE A 501 16.26 -21.21 3.49
C ILE A 501 15.91 -22.56 2.87
N ARG A 502 15.37 -23.46 3.69
CA ARG A 502 14.84 -24.75 3.23
C ARG A 502 13.74 -24.56 2.19
N ASP A 503 12.80 -23.66 2.48
CA ASP A 503 11.67 -23.38 1.60
C ASP A 503 12.09 -22.88 0.21
N ASN A 504 13.08 -21.98 0.18
CA ASN A 504 13.63 -21.47 -1.08
C ASN A 504 14.42 -22.51 -1.88
N ILE A 505 15.15 -23.39 -1.19
CA ILE A 505 15.90 -24.45 -1.86
C ILE A 505 14.95 -25.53 -2.38
N LEU A 506 14.01 -25.98 -1.55
CA LEU A 506 13.03 -27.01 -1.96
C LEU A 506 12.08 -26.46 -3.02
N PHE A 507 11.39 -25.40 -2.66
CA PHE A 507 10.54 -24.61 -3.60
C PHE A 507 9.41 -25.42 -4.22
N GLY A 508 8.61 -26.06 -3.36
CA GLY A 508 7.46 -26.87 -3.79
C GLY A 508 7.65 -28.37 -3.65
N LEU A 509 8.82 -28.86 -4.06
CA LEU A 509 9.13 -30.29 -4.04
C LEU A 509 9.37 -30.77 -2.61
N THR A 510 9.14 -32.07 -2.41
CA THR A 510 9.27 -32.69 -1.08
C THR A 510 10.73 -32.85 -0.66
N TYR A 511 10.91 -33.00 0.66
CA TYR A 511 12.24 -33.10 1.25
C TYR A 511 12.87 -34.46 0.99
N ASP A 512 14.20 -34.48 0.90
CA ASP A 512 14.98 -35.68 0.61
C ASP A 512 16.19 -35.76 1.56
N GLU A 513 16.69 -36.97 1.76
CA GLU A 513 17.84 -37.23 2.65
C GLU A 513 19.15 -36.68 2.10
N TYR A 514 19.68 -37.30 1.03
CA TYR A 514 21.01 -36.96 0.49
C TYR A 514 21.00 -36.13 -0.81
N ARG A 515 19.85 -36.05 -1.48
CA ARG A 515 19.67 -35.17 -2.65
C ARG A 515 19.92 -33.72 -2.21
N TYR A 516 19.14 -33.28 -1.22
CA TYR A 516 19.25 -31.95 -0.61
C TYR A 516 20.68 -31.67 -0.13
N LYS A 517 21.24 -32.62 0.61
CA LYS A 517 22.58 -32.49 1.20
C LYS A 517 23.69 -32.44 0.16
N SER A 518 23.55 -33.24 -0.90
CA SER A 518 24.52 -33.22 -2.00
C SER A 518 24.54 -31.87 -2.72
N VAL A 519 23.36 -31.25 -2.84
CA VAL A 519 23.23 -29.92 -3.46
C VAL A 519 23.88 -28.84 -2.59
N VAL A 520 23.55 -28.86 -1.29
CA VAL A 520 24.17 -27.93 -0.32
C VAL A 520 25.69 -28.13 -0.24
N LYS A 521 26.14 -29.39 -0.26
CA LYS A 521 27.57 -29.73 -0.23
C LYS A 521 28.28 -29.29 -1.51
N ALA A 522 27.65 -29.54 -2.66
CA ALA A 522 28.20 -29.16 -3.97
C ALA A 522 28.22 -27.65 -4.19
N CYS A 523 27.14 -26.97 -3.80
CA CYS A 523 27.03 -25.51 -3.96
C CYS A 523 27.87 -24.67 -2.99
N GLN A 524 28.53 -25.32 -2.03
CA GLN A 524 29.43 -24.66 -1.05
C GLN A 524 28.66 -23.68 -0.16
N LEU A 525 27.50 -24.12 0.30
CA LEU A 525 26.62 -23.35 1.18
C LEU A 525 26.50 -24.00 2.56
N GLU A 526 27.36 -24.99 2.84
CA GLU A 526 27.24 -25.81 4.06
C GLU A 526 27.97 -25.19 5.25
N GLU A 527 29.18 -24.72 5.03
CA GLU A 527 30.04 -24.17 6.08
C GLU A 527 29.47 -22.87 6.66
N ASP A 528 29.13 -21.94 5.78
CA ASP A 528 28.56 -20.64 6.18
C ASP A 528 27.16 -20.73 6.78
N LEU A 529 26.38 -21.73 6.34
CA LEU A 529 25.05 -22.00 6.90
C LEU A 529 25.14 -22.52 8.34
N ALA A 530 26.13 -23.38 8.60
CA ALA A 530 26.45 -23.86 9.95
C ALA A 530 26.88 -22.74 10.91
N ALA A 531 27.59 -21.75 10.38
CA ALA A 531 28.09 -20.59 11.16
C ALA A 531 27.00 -19.65 11.71
N LEU A 532 25.80 -19.68 11.13
CA LEU A 532 24.65 -18.90 11.63
C LEU A 532 24.23 -19.33 13.04
N PRO A 533 23.48 -18.47 13.78
CA PRO A 533 23.02 -18.84 15.13
C PRO A 533 22.10 -20.06 15.11
N GLU A 534 21.06 -20.01 14.27
CA GLU A 534 20.27 -21.19 13.93
C GLU A 534 20.93 -21.86 12.74
N LYS A 535 20.94 -23.19 12.76
CA LYS A 535 21.61 -23.98 11.73
C LYS A 535 21.01 -23.75 10.36
N ASP A 536 19.70 -23.94 10.27
CA ASP A 536 18.93 -23.82 9.04
C ASP A 536 17.69 -22.99 9.39
N LYS A 537 16.70 -22.99 8.49
CA LYS A 537 15.37 -22.39 8.72
C LYS A 537 15.37 -21.03 9.43
N THR A 538 16.28 -20.15 9.01
CA THR A 538 16.34 -18.79 9.50
C THR A 538 15.23 -17.99 8.80
N PRO A 539 14.37 -17.31 9.57
CA PRO A 539 13.29 -16.54 8.95
C PRO A 539 13.81 -15.27 8.29
N MET A 540 13.74 -15.22 6.96
CA MET A 540 14.34 -14.12 6.19
C MET A 540 13.40 -12.94 5.99
N ALA A 541 13.97 -11.74 6.07
CA ALA A 541 13.23 -10.48 5.86
C ALA A 541 13.01 -10.24 4.36
N GLU A 542 12.38 -9.11 4.04
CA GLU A 542 12.12 -8.74 2.64
C GLU A 542 13.38 -8.71 1.78
N GLY A 543 13.46 -9.63 0.83
CA GLY A 543 14.58 -9.69 -0.14
C GLY A 543 15.89 -10.27 0.36
N GLY A 544 15.88 -10.85 1.57
CA GLY A 544 17.07 -11.49 2.12
C GLY A 544 18.16 -10.52 2.55
N LEU A 545 17.78 -9.53 3.36
CA LEU A 545 18.72 -8.55 3.89
C LEU A 545 19.61 -9.15 4.98
N ASN A 546 19.03 -10.03 5.80
CA ASN A 546 19.79 -10.80 6.81
C ASN A 546 20.83 -11.78 6.23
N LEU A 547 20.64 -12.19 4.97
CA LEU A 547 21.66 -12.92 4.21
C LEU A 547 22.59 -11.94 3.47
N SER A 548 23.79 -12.43 3.16
CA SER A 548 24.81 -11.63 2.45
C SER A 548 24.51 -11.52 0.96
N GLY A 549 25.38 -10.82 0.24
CA GLY A 549 25.24 -10.66 -1.21
C GLY A 549 25.45 -11.94 -2.00
N GLY A 550 26.51 -12.67 -1.64
CA GLY A 550 26.84 -13.94 -2.29
C GLY A 550 25.92 -15.11 -1.96
N GLN A 551 25.46 -15.15 -0.70
CA GLN A 551 24.56 -16.22 -0.23
C GLN A 551 23.26 -16.31 -1.03
N LYS A 552 22.70 -15.15 -1.38
CA LYS A 552 21.49 -15.08 -2.20
C LYS A 552 21.69 -15.69 -3.60
N ALA A 553 22.91 -15.57 -4.14
CA ALA A 553 23.25 -16.18 -5.42
C ALA A 553 23.32 -17.69 -5.30
N ARG A 554 23.99 -18.16 -4.23
CA ARG A 554 24.19 -19.61 -4.03
C ARG A 554 22.91 -20.35 -3.62
N VAL A 555 22.09 -19.71 -2.79
CA VAL A 555 20.78 -20.30 -2.43
C VAL A 555 19.84 -20.36 -3.65
N ALA A 556 19.86 -19.32 -4.46
CA ALA A 556 19.10 -19.27 -5.72
C ALA A 556 19.65 -20.25 -6.76
N LEU A 557 20.96 -20.47 -6.74
CA LEU A 557 21.58 -21.51 -7.56
C LEU A 557 21.07 -22.87 -7.11
N ALA A 558 21.25 -23.15 -5.82
CA ALA A 558 20.82 -24.43 -5.21
C ALA A 558 19.38 -24.81 -5.54
N ARG A 559 18.50 -23.81 -5.55
CA ARG A 559 17.11 -23.96 -5.97
C ARG A 559 17.01 -24.61 -7.35
N ALA A 560 17.75 -24.04 -8.31
CA ALA A 560 17.78 -24.56 -9.67
C ALA A 560 18.45 -25.93 -9.76
N VAL A 561 19.49 -26.15 -8.96
CA VAL A 561 20.21 -27.44 -8.96
C VAL A 561 19.34 -28.56 -8.40
N TYR A 562 18.56 -28.25 -7.37
CA TYR A 562 17.77 -29.25 -6.63
C TYR A 562 16.70 -29.98 -7.44
N ARG A 563 16.05 -29.27 -8.36
CA ARG A 563 14.98 -29.84 -9.18
C ARG A 563 15.50 -30.64 -10.36
N ASP A 564 14.62 -31.44 -10.94
CA ASP A 564 14.94 -32.32 -12.05
C ASP A 564 14.37 -31.74 -13.34
N ALA A 565 15.25 -31.42 -14.29
CA ALA A 565 14.86 -30.87 -15.59
C ALA A 565 15.91 -31.14 -16.65
N ASP A 566 15.55 -30.89 -17.90
CA ASP A 566 16.42 -31.15 -19.05
C ASP A 566 17.51 -30.10 -19.21
N LEU A 567 17.08 -28.83 -19.32
CA LEU A 567 17.98 -27.69 -19.52
C LEU A 567 18.13 -26.87 -18.25
N TYR A 568 19.38 -26.50 -17.94
CA TYR A 568 19.68 -25.53 -16.88
C TYR A 568 20.26 -24.24 -17.46
N LEU A 569 19.70 -23.10 -17.06
CA LEU A 569 20.16 -21.77 -17.44
C LEU A 569 20.68 -20.97 -16.22
N LEU A 570 22.00 -20.86 -16.11
CA LEU A 570 22.66 -20.11 -15.05
C LEU A 570 23.18 -18.78 -15.62
N ASP A 571 22.43 -17.71 -15.39
CA ASP A 571 22.76 -16.37 -15.88
C ASP A 571 23.71 -15.63 -14.92
N ALA A 572 25.01 -15.91 -15.08
CA ALA A 572 26.11 -15.23 -14.35
C ALA A 572 26.05 -15.43 -12.83
N PRO A 573 26.17 -16.68 -12.36
CA PRO A 573 26.06 -16.96 -10.92
C PRO A 573 27.28 -16.54 -10.07
N PHE A 574 28.46 -16.39 -10.70
CA PHE A 574 29.72 -16.18 -9.96
C PHE A 574 30.15 -14.72 -9.78
N THR A 575 29.20 -13.78 -9.85
CA THR A 575 29.52 -12.34 -9.80
C THR A 575 29.92 -11.84 -8.40
N HIS A 576 29.26 -12.36 -7.37
CA HIS A 576 29.56 -12.04 -5.96
C HIS A 576 30.39 -13.10 -5.21
N LEU A 577 30.61 -14.25 -5.84
CA LEU A 577 31.41 -15.33 -5.23
C LEU A 577 32.91 -15.07 -5.34
N ASP A 578 33.68 -15.79 -4.53
CA ASP A 578 35.15 -15.73 -4.56
C ASP A 578 35.70 -16.48 -5.76
N ILE A 579 37.01 -16.43 -5.94
CA ILE A 579 37.70 -17.30 -6.89
C ILE A 579 37.66 -18.79 -6.47
N ALA A 580 37.82 -19.03 -5.16
CA ALA A 580 37.91 -20.38 -4.60
C ALA A 580 36.57 -21.13 -4.66
N THR A 581 35.55 -20.50 -4.10
CA THR A 581 34.18 -21.04 -4.12
C THR A 581 33.70 -21.25 -5.56
N GLU A 582 33.99 -20.30 -6.44
CA GLU A 582 33.73 -20.42 -7.88
C GLU A 582 34.44 -21.64 -8.46
N LYS A 583 35.76 -21.74 -8.21
CA LYS A 583 36.56 -22.88 -8.68
C LYS A 583 35.98 -24.22 -8.19
N GLU A 584 35.65 -24.29 -6.90
CA GLU A 584 35.11 -25.52 -6.30
C GLU A 584 33.71 -25.88 -6.83
N ILE A 585 32.83 -24.87 -6.88
CA ILE A 585 31.46 -25.05 -7.40
C ILE A 585 31.50 -25.46 -8.86
N PHE A 586 32.37 -24.81 -9.65
CA PHE A 586 32.51 -25.16 -11.07
C PHE A 586 33.03 -26.58 -11.31
N ASP A 587 33.92 -27.06 -10.44
CA ASP A 587 34.42 -28.43 -10.53
C ASP A 587 33.44 -29.47 -10.00
N LYS A 588 32.90 -29.25 -8.80
CA LYS A 588 31.98 -30.24 -8.18
C LYS A 588 30.53 -30.16 -8.67
N CYS A 589 29.94 -28.96 -8.61
CA CYS A 589 28.51 -28.78 -8.91
C CYS A 589 28.19 -28.84 -10.41
N LEU A 590 28.92 -28.06 -11.21
CA LEU A 590 28.65 -27.94 -12.65
C LEU A 590 29.07 -29.17 -13.45
N CYS A 591 30.28 -29.67 -13.19
CA CYS A 591 30.84 -30.82 -13.95
C CYS A 591 30.45 -32.19 -13.39
N LYS A 592 30.86 -32.46 -12.15
CA LYS A 592 30.66 -33.78 -11.53
C LYS A 592 29.20 -34.11 -11.19
N LEU A 593 28.52 -33.18 -10.53
CA LEU A 593 27.13 -33.42 -10.06
C LEU A 593 26.09 -33.40 -11.19
N MET A 594 26.22 -32.45 -12.13
CA MET A 594 25.27 -32.31 -13.25
C MET A 594 25.62 -33.09 -14.52
N ALA A 595 26.68 -33.90 -14.47
CA ALA A 595 27.09 -34.77 -15.59
C ALA A 595 25.89 -35.48 -16.22
N SER A 596 25.85 -35.45 -17.55
CA SER A 596 24.68 -35.85 -18.35
C SER A 596 23.44 -34.95 -18.16
N LYS A 597 23.67 -33.65 -17.95
CA LYS A 597 22.63 -32.61 -18.07
C LYS A 597 23.13 -31.47 -18.97
N THR A 598 22.25 -30.95 -19.83
CA THR A 598 22.59 -29.83 -20.72
C THR A 598 22.61 -28.50 -19.96
N ARG A 599 23.67 -27.71 -20.19
CA ARG A 599 23.89 -26.45 -19.48
C ARG A 599 24.20 -25.28 -20.41
N ILE A 600 23.69 -24.11 -20.06
CA ILE A 600 24.04 -22.83 -20.71
C ILE A 600 24.43 -21.84 -19.61
N LEU A 601 25.72 -21.50 -19.56
CA LEU A 601 26.29 -20.66 -18.50
C LEU A 601 26.87 -19.38 -19.09
N VAL A 602 26.50 -18.24 -18.52
CA VAL A 602 27.00 -16.93 -18.94
C VAL A 602 28.24 -16.59 -18.11
N THR A 603 29.36 -16.33 -18.80
CA THR A 603 30.63 -16.00 -18.11
C THR A 603 31.69 -15.37 -19.02
N ASN A 604 32.67 -14.71 -18.39
CA ASN A 604 33.86 -14.16 -19.06
C ASN A 604 35.15 -14.54 -18.33
N LYS A 605 35.39 -15.85 -18.25
CA LYS A 605 36.62 -16.41 -17.67
C LYS A 605 37.20 -17.46 -18.61
N ILE A 606 38.50 -17.39 -18.84
CA ILE A 606 39.20 -18.28 -19.78
C ILE A 606 39.09 -19.77 -19.42
N GLU A 607 39.16 -20.10 -18.12
CA GLU A 607 39.10 -21.50 -17.69
C GLU A 607 37.71 -22.16 -17.91
N HIS A 608 36.65 -21.38 -17.78
CA HIS A 608 35.29 -21.86 -18.06
C HIS A 608 35.10 -22.08 -19.56
N LEU A 609 35.56 -21.13 -20.36
CA LEU A 609 35.56 -21.24 -21.83
C LEU A 609 36.40 -22.41 -22.32
N LYS A 610 37.54 -22.64 -21.65
CA LYS A 610 38.45 -23.74 -22.01
C LYS A 610 37.86 -25.13 -21.75
N ARG A 611 37.26 -25.31 -20.57
CA ARG A 611 36.69 -26.61 -20.18
C ARG A 611 35.42 -26.96 -20.95
N ALA A 612 34.60 -25.96 -21.24
CA ALA A 612 33.30 -26.15 -21.90
C ALA A 612 33.41 -26.68 -23.33
N ASP A 613 32.28 -27.20 -23.84
CA ASP A 613 32.23 -27.86 -25.14
C ASP A 613 32.18 -26.86 -26.28
N LYS A 614 31.19 -25.97 -26.22
CA LYS A 614 30.93 -24.99 -27.27
C LYS A 614 30.79 -23.57 -26.72
N ILE A 615 31.29 -22.59 -27.47
CA ILE A 615 31.29 -21.18 -27.08
C ILE A 615 30.33 -20.39 -27.99
N LEU A 616 29.78 -19.29 -27.47
CA LEU A 616 28.93 -18.38 -28.25
C LEU A 616 29.26 -16.91 -27.92
N LEU A 617 29.89 -16.22 -28.87
CA LEU A 617 30.38 -14.85 -28.70
C LEU A 617 29.46 -13.81 -29.35
N LEU A 618 28.63 -13.16 -28.52
CA LEU A 618 27.71 -12.11 -28.97
C LEU A 618 28.44 -10.79 -29.13
N HIS A 619 27.88 -9.93 -29.99
CA HIS A 619 28.34 -8.56 -30.16
C HIS A 619 27.26 -7.74 -30.88
N ASN A 620 26.60 -6.85 -30.13
CA ASN A 620 25.47 -6.04 -30.61
C ASN A 620 24.28 -6.85 -31.13
N GLY A 621 24.03 -8.01 -30.50
CA GLY A 621 22.91 -8.90 -30.90
C GLY A 621 23.20 -9.92 -31.99
N GLU A 622 24.41 -9.90 -32.54
CA GLU A 622 24.85 -10.83 -33.58
C GLU A 622 26.11 -11.54 -33.14
N SER A 623 26.27 -12.78 -33.59
CA SER A 623 27.35 -13.66 -33.13
C SER A 623 28.60 -13.51 -34.00
N PHE A 624 29.75 -13.33 -33.36
CA PHE A 624 31.04 -13.39 -34.07
C PHE A 624 31.37 -14.85 -34.38
N PHE A 625 31.56 -15.63 -33.32
CA PHE A 625 32.07 -17.00 -33.40
C PHE A 625 31.07 -17.97 -32.78
N TYR A 626 31.12 -19.22 -33.26
CA TYR A 626 30.35 -20.32 -32.67
C TYR A 626 31.04 -21.67 -32.95
N GLY A 627 31.61 -22.26 -31.90
CA GLY A 627 32.31 -23.54 -32.00
C GLY A 627 33.11 -23.90 -30.76
N THR A 628 34.11 -24.77 -30.93
CA THR A 628 34.99 -25.21 -29.85
C THR A 628 36.16 -24.24 -29.60
N PHE A 629 36.81 -24.41 -28.45
CA PHE A 629 37.90 -23.54 -27.99
C PHE A 629 39.20 -23.59 -28.83
N PRO A 630 39.69 -24.80 -29.20
CA PRO A 630 40.84 -24.84 -30.12
C PRO A 630 40.55 -24.24 -31.50
N GLU A 631 39.31 -24.41 -31.98
CA GLU A 631 38.87 -23.79 -33.24
C GLU A 631 38.83 -22.26 -33.17
N LEU A 632 38.47 -21.71 -32.00
CA LEU A 632 38.52 -20.27 -31.77
C LEU A 632 39.96 -19.75 -31.84
N GLN A 633 40.90 -20.54 -31.30
CA GLN A 633 42.32 -20.20 -31.32
C GLN A 633 42.94 -20.23 -32.73
N SER A 634 42.49 -21.17 -33.56
CA SER A 634 42.93 -21.26 -34.97
C SER A 634 42.40 -20.12 -35.86
N GLU A 635 41.32 -19.47 -35.42
CA GLU A 635 40.75 -18.32 -36.15
C GLU A 635 41.59 -17.04 -35.93
N ARG A 636 41.41 -16.07 -36.83
CA ARG A 636 42.27 -14.86 -36.91
C ARG A 636 42.17 -13.88 -35.72
N PRO A 637 40.95 -13.50 -35.30
CA PRO A 637 40.85 -12.75 -34.02
C PRO A 637 41.30 -13.64 -32.85
N ASP A 638 42.57 -13.49 -32.47
CA ASP A 638 43.27 -14.47 -31.62
C ASP A 638 42.76 -14.53 -30.18
N PHE A 639 42.79 -13.39 -29.50
CA PHE A 639 42.37 -13.28 -28.11
C PHE A 639 41.74 -11.91 -27.85
N SER A 640 40.42 -11.85 -28.00
CA SER A 640 39.66 -10.60 -27.88
C SER A 640 39.51 -10.08 -26.44
N SER A 641 39.20 -10.99 -25.52
CA SER A 641 39.03 -10.65 -24.10
C SER A 641 39.25 -11.88 -23.22
N TRP A 844 -9.63 10.01 25.85
CA TRP A 844 -9.31 11.42 25.56
C TRP A 844 -7.83 11.73 25.23
N ASN A 845 -6.91 10.85 25.65
CA ASN A 845 -5.49 10.94 25.29
C ASN A 845 -5.22 11.16 23.80
N THR A 846 -5.98 10.44 22.96
CA THR A 846 -5.88 10.55 21.50
C THR A 846 -6.32 11.94 21.02
N TYR A 847 -7.42 12.43 21.56
CA TYR A 847 -7.99 13.73 21.19
C TYR A 847 -7.16 14.92 21.70
N VAL A 848 -6.70 14.85 22.94
CA VAL A 848 -5.88 15.92 23.55
C VAL A 848 -4.55 16.10 22.80
N ARG A 849 -3.87 14.98 22.51
CA ARG A 849 -2.65 15.01 21.69
C ARG A 849 -2.88 15.57 20.28
N TYR A 850 -4.02 15.23 19.69
CA TYR A 850 -4.42 15.74 18.38
C TYR A 850 -4.67 17.25 18.42
N VAL A 851 -5.53 17.68 19.32
CA VAL A 851 -5.86 19.11 19.47
C VAL A 851 -4.64 19.95 19.88
N SER A 852 -3.86 19.45 20.85
CA SER A 852 -2.67 20.16 21.34
C SER A 852 -1.54 20.31 20.31
N ASN A 853 -1.57 19.50 19.24
CA ASN A 853 -0.62 19.65 18.12
C ASN A 853 -0.76 20.98 17.38
N ASN A 854 -2.00 21.51 17.31
CA ASN A 854 -2.26 22.82 16.71
C ASN A 854 -3.19 23.67 17.60
N LYS A 855 -2.60 24.68 18.25
CA LYS A 855 -3.35 25.55 19.17
C LYS A 855 -4.35 26.48 18.47
N SER A 856 -4.15 26.73 17.17
CA SER A 856 -5.07 27.54 16.38
C SER A 856 -6.48 26.93 16.28
N LEU A 857 -6.56 25.60 16.29
CA LEU A 857 -7.83 24.87 16.30
C LEU A 857 -8.61 25.06 17.61
N LEU A 858 -7.88 25.15 18.73
CA LEU A 858 -8.49 25.38 20.05
C LEU A 858 -9.16 26.76 20.14
N TYR A 859 -8.50 27.77 19.59
CA TYR A 859 -9.07 29.12 19.49
C TYR A 859 -10.33 29.20 18.61
N VAL A 860 -10.48 28.25 17.69
CA VAL A 860 -11.75 28.04 16.96
C VAL A 860 -12.73 27.29 17.87
N LEU A 861 -12.28 26.20 18.48
CA LEU A 861 -13.13 25.36 19.34
C LEU A 861 -13.88 26.11 20.45
N ILE A 862 -13.26 27.14 21.02
CA ILE A 862 -13.95 28.01 22.00
C ILE A 862 -15.10 28.80 21.35
N PHE A 863 -14.87 29.31 20.13
CA PHE A 863 -15.86 30.12 19.40
C PHE A 863 -17.14 29.34 19.12
N ILE A 864 -17.00 28.06 18.81
CA ILE A 864 -18.13 27.19 18.45
C ILE A 864 -19.04 26.94 19.66
N LEU A 865 -18.45 26.77 20.85
CA LEU A 865 -19.21 26.50 22.07
C LEU A 865 -19.95 27.73 22.62
N PHE A 866 -19.32 28.89 22.53
CA PHE A 866 -19.90 30.13 23.07
C PHE A 866 -21.09 30.66 22.24
N ILE A 867 -20.93 30.67 20.92
CA ILE A 867 -22.00 31.15 20.02
C ILE A 867 -23.23 30.23 20.01
N ALA A 868 -23.01 28.92 20.10
CA ALA A 868 -24.09 27.94 20.15
C ALA A 868 -24.91 28.05 21.45
N ALA A 869 -24.24 28.39 22.55
CA ALA A 869 -24.89 28.58 23.85
C ALA A 869 -25.81 29.80 23.85
N ILE A 870 -25.32 30.92 23.31
CA ILE A 870 -26.13 32.14 23.17
C ILE A 870 -27.18 31.99 22.06
N GLU A 871 -26.88 31.17 21.06
CA GLU A 871 -27.89 30.76 20.06
C GLU A 871 -29.01 29.93 20.70
N ILE A 872 -28.64 29.05 21.64
CA ILE A 872 -29.61 28.32 22.47
C ILE A 872 -30.38 29.26 23.41
N ALA A 873 -29.67 30.20 24.03
CA ALA A 873 -30.29 31.17 24.95
C ALA A 873 -31.45 31.97 24.31
N GLY A 874 -31.28 32.33 23.04
CA GLY A 874 -32.30 33.04 22.26
C GLY A 874 -33.58 32.23 22.02
N SER A 875 -33.43 30.93 21.78
CA SER A 875 -34.58 30.03 21.54
C SER A 875 -35.37 29.71 22.81
N VAL A 876 -34.66 29.46 23.91
CA VAL A 876 -35.27 29.19 25.22
C VAL A 876 -36.16 30.37 25.65
N ALA A 877 -35.55 31.55 25.68
CA ALA A 877 -36.27 32.79 26.00
C ALA A 877 -37.31 33.15 24.93
N GLY A 878 -36.94 32.94 23.67
CA GLY A 878 -37.80 33.25 22.52
C GLY A 878 -39.14 32.53 22.48
N ILE A 879 -39.18 31.30 22.98
CA ILE A 879 -40.42 30.53 23.08
C ILE A 879 -41.37 31.16 24.10
N PHE A 880 -40.85 31.43 25.31
CA PHE A 880 -41.65 31.97 26.43
C PHE A 880 -42.43 33.25 26.08
N LEU A 881 -41.81 34.13 25.30
CA LEU A 881 -42.47 35.35 24.79
C LEU A 881 -43.75 35.01 24.02
N ILE A 882 -43.71 33.93 23.25
CA ILE A 882 -44.87 33.46 22.48
C ILE A 882 -45.84 32.66 23.38
N THR A 883 -45.28 31.73 24.16
CA THR A 883 -46.05 30.87 25.08
C THR A 883 -46.85 31.65 26.14
N ASP A 884 -46.30 32.77 26.63
CA ASP A 884 -46.96 33.60 27.65
C ASP A 884 -48.23 34.29 27.09
N GLU A 885 -48.10 34.84 25.89
CA GLU A 885 -49.21 35.44 25.17
C GLU A 885 -50.21 34.35 24.82
N LEU A 886 -49.68 33.27 24.23
CA LEU A 886 -50.49 32.10 23.87
C LEU A 886 -50.68 31.17 25.07
N THR A 918 -51.88 24.19 27.22
CA THR A 918 -52.50 23.04 26.56
C THR A 918 -52.21 23.02 25.06
N SER A 919 -52.51 24.13 24.38
CA SER A 919 -52.33 24.27 22.94
C SER A 919 -51.21 25.26 22.60
N SER A 920 -50.04 25.04 23.19
CA SER A 920 -48.83 25.82 22.90
C SER A 920 -47.74 24.88 22.39
N TYR A 921 -48.12 24.04 21.42
CA TYR A 921 -47.29 22.92 20.94
C TYR A 921 -46.86 23.02 19.47
N TYR A 922 -47.73 23.50 18.59
CA TYR A 922 -47.45 23.51 17.14
C TYR A 922 -46.24 24.36 16.70
N ILE A 923 -45.92 25.39 17.48
CA ILE A 923 -44.68 26.16 17.29
C ILE A 923 -43.42 25.31 17.59
N LEU A 924 -43.52 24.43 18.58
CA LEU A 924 -42.43 23.51 18.95
C LEU A 924 -42.09 22.52 17.82
N TYR A 925 -43.07 22.18 17.00
CA TYR A 925 -42.85 21.33 15.81
C TYR A 925 -42.01 22.05 14.75
N ILE A 926 -42.38 23.31 14.46
CA ILE A 926 -41.65 24.16 13.51
C ILE A 926 -40.20 24.41 13.96
N TYR A 927 -40.00 24.68 15.24
CA TYR A 927 -38.64 24.89 15.78
C TYR A 927 -37.77 23.65 15.58
N VAL A 928 -38.30 22.49 15.99
CA VAL A 928 -37.64 21.19 15.81
C VAL A 928 -37.39 20.89 14.32
N ALA A 929 -38.36 21.23 13.48
CA ALA A 929 -38.22 21.10 12.02
C ALA A 929 -37.20 22.12 11.50
N THR A 930 -37.25 23.34 12.04
CA THR A 930 -36.36 24.44 11.65
C THR A 930 -35.00 24.55 12.42
N SER A 931 -34.81 23.68 13.41
CA SER A 931 -33.62 23.69 14.28
C SER A 931 -32.25 23.65 13.60
N GLU A 932 -32.13 22.85 12.55
CA GLU A 932 -30.86 22.65 11.85
C GLU A 932 -30.30 23.95 11.30
N SER A 933 -31.17 24.79 10.73
CA SER A 933 -30.77 26.09 10.19
C SER A 933 -30.43 27.11 11.27
N LEU A 934 -31.21 27.13 12.36
CA LEU A 934 -30.95 28.03 13.51
C LEU A 934 -29.61 27.75 14.19
N LEU A 935 -29.26 26.47 14.31
CA LEU A 935 -28.00 26.03 14.95
C LEU A 935 -26.88 25.67 13.96
N ALA A 936 -26.99 26.14 12.71
CA ALA A 936 -25.98 25.88 11.67
C ALA A 936 -24.74 26.75 11.89
N MET A 937 -23.62 26.30 11.32
CA MET A 937 -22.35 27.01 11.41
C MET A 937 -22.18 27.92 10.20
N GLY A 938 -22.11 29.22 10.45
CA GLY A 938 -21.99 30.23 9.39
C GLY A 938 -20.64 30.26 8.70
N PHE A 939 -20.48 31.24 7.81
CA PHE A 939 -19.30 31.32 6.93
C PHE A 939 -18.03 31.64 7.71
N PHE A 940 -18.12 32.61 8.62
CA PHE A 940 -17.02 32.96 9.52
C PHE A 940 -16.80 31.89 10.60
N ARG A 941 -17.88 31.22 10.99
CA ARG A 941 -17.85 30.20 12.04
C ARG A 941 -17.22 28.87 11.59
N GLY A 942 -17.55 28.44 10.38
CA GLY A 942 -17.19 27.10 9.88
C GLY A 942 -15.85 26.93 9.19
N LEU A 943 -15.45 27.93 8.40
CA LEU A 943 -14.23 27.84 7.57
C LEU A 943 -12.90 27.76 8.34
N PRO A 944 -12.78 28.49 9.49
CA PRO A 944 -11.56 28.36 10.30
C PRO A 944 -11.27 26.94 10.81
N PHE A 945 -12.33 26.18 11.06
CA PHE A 945 -12.22 24.77 11.46
C PHE A 945 -11.56 23.91 10.37
N VAL A 946 -11.95 24.13 9.13
CA VAL A 946 -11.41 23.40 7.97
C VAL A 946 -9.94 23.81 7.70
N HIS A 947 -9.65 25.11 7.85
CA HIS A 947 -8.29 25.64 7.65
C HIS A 947 -7.28 25.08 8.65
N THR A 948 -7.65 25.08 9.93
CA THR A 948 -6.78 24.57 11.00
C THR A 948 -6.57 23.05 10.93
N THR A 949 -7.63 22.30 10.65
CA THR A 949 -7.55 20.83 10.55
C THR A 949 -6.79 20.31 9.31
N ILE A 950 -6.52 21.18 8.34
CA ILE A 950 -5.62 20.84 7.23
C ILE A 950 -4.17 21.11 7.65
N THR A 951 -3.90 22.30 8.18
CA THR A 951 -2.54 22.71 8.59
C THR A 951 -1.88 21.72 9.58
N ILE A 952 -2.68 21.18 10.49
CA ILE A 952 -2.24 20.12 11.39
C ILE A 952 -1.74 18.87 10.64
N SER A 953 -2.43 18.51 9.56
CA SER A 953 -2.08 17.34 8.74
C SER A 953 -0.74 17.49 8.02
N LYS A 954 -0.44 18.71 7.59
CA LYS A 954 0.84 19.05 6.95
C LYS A 954 2.01 18.86 7.92
N LYS A 955 1.81 19.30 9.17
CA LYS A 955 2.81 19.12 10.22
C LYS A 955 2.93 17.66 10.65
N LEU A 956 1.77 17.06 10.95
CA LEU A 956 1.66 15.67 11.41
C LEU A 956 2.25 14.64 10.43
N HIS A 957 2.22 14.95 9.14
CA HIS A 957 2.91 14.15 8.13
C HIS A 957 4.43 14.38 8.19
N GLN A 958 4.83 15.65 8.13
CA GLN A 958 6.24 16.07 8.17
C GLN A 958 7.00 15.59 9.43
N LYS A 959 6.30 15.49 10.55
CA LYS A 959 6.86 14.93 11.79
C LYS A 959 7.15 13.43 11.69
N MET A 960 6.23 12.69 11.06
CA MET A 960 6.36 11.23 10.92
C MET A 960 7.51 10.84 10.01
N LEU A 961 7.48 11.37 8.78
CA LEU A 961 8.49 11.08 7.76
C LEU A 961 9.91 11.29 8.28
N HIS A 962 10.12 12.39 9.00
CA HIS A 962 11.40 12.71 9.62
C HIS A 962 11.78 11.71 10.72
N ALA A 963 10.80 11.35 11.54
CA ALA A 963 11.01 10.41 12.65
C ALA A 963 11.34 9.00 12.18
N VAL A 964 10.60 8.53 11.18
CA VAL A 964 10.80 7.19 10.61
C VAL A 964 12.12 7.07 9.87
N LEU A 965 12.46 8.11 9.10
CA LEU A 965 13.69 8.13 8.29
C LEU A 965 14.96 8.22 9.13
N SER A 966 14.87 8.81 10.32
CA SER A 966 15.97 8.87 11.29
C SER A 966 15.71 7.94 12.48
N ALA A 967 16.09 6.67 12.31
CA ALA A 967 15.96 5.62 13.33
C ALA A 967 17.03 4.54 13.09
N PRO A 968 17.35 3.72 14.11
CA PRO A 968 18.37 2.67 13.93
C PRO A 968 17.90 1.50 13.06
N MET A 969 18.85 0.85 12.40
CA MET A 969 18.56 -0.18 11.39
C MET A 969 17.94 -1.46 11.94
N SER A 970 18.28 -1.83 13.17
CA SER A 970 17.68 -2.99 13.83
C SER A 970 16.17 -2.84 14.01
N VAL A 971 15.73 -1.62 14.32
CA VAL A 971 14.30 -1.31 14.46
C VAL A 971 13.62 -1.27 13.09
N LEU A 972 14.32 -0.73 12.08
CA LEU A 972 13.77 -0.63 10.72
C LEU A 972 13.66 -1.98 10.02
N ASN A 973 14.67 -2.83 10.19
CA ASN A 973 14.64 -4.21 9.66
C ASN A 973 13.69 -5.17 10.39
N THR A 974 13.24 -4.79 11.59
CA THR A 974 12.14 -5.49 12.28
C THR A 974 10.87 -5.36 11.44
N MET A 975 10.53 -4.12 11.09
CA MET A 975 9.34 -3.81 10.30
C MET A 975 9.52 -4.13 8.83
N LYS A 976 8.44 -4.60 8.19
CA LYS A 976 8.39 -4.78 6.74
C LYS A 976 8.06 -3.45 6.06
N THR A 977 8.19 -3.43 4.74
CA THR A 977 7.89 -2.23 3.95
C THR A 977 6.39 -1.90 3.94
N GLY A 978 5.55 -2.93 3.87
CA GLY A 978 4.08 -2.78 3.83
C GLY A 978 3.51 -2.23 5.13
N ARG A 979 3.98 -2.78 6.25
CA ARG A 979 3.63 -2.29 7.60
C ARG A 979 3.87 -0.78 7.74
N ILE A 980 4.97 -0.29 7.17
CA ILE A 980 5.31 1.13 7.19
C ILE A 980 4.46 1.90 6.16
N MET A 981 4.48 1.42 4.91
CA MET A 981 3.75 2.05 3.80
C MET A 981 2.24 2.20 4.03
N ASN A 982 1.66 1.25 4.78
CA ASN A 982 0.24 1.28 5.15
C ASN A 982 -0.15 2.50 6.01
N ARG A 983 0.81 3.06 6.75
CA ARG A 983 0.62 4.32 7.48
C ARG A 983 0.51 5.51 6.51
N PHE A 984 1.36 5.51 5.48
CA PHE A 984 1.37 6.57 4.47
C PHE A 984 0.20 6.50 3.47
N THR A 985 -0.11 5.30 2.99
CA THR A 985 -1.14 5.12 1.96
C THR A 985 -2.55 5.38 2.48
N LYS A 986 -2.97 4.59 3.48
CA LYS A 986 -4.35 4.62 3.97
C LYS A 986 -4.57 5.69 5.04
N ASP A 987 -3.83 5.58 6.13
CA ASP A 987 -4.06 6.40 7.33
C ASP A 987 -3.84 7.90 7.14
N MET A 988 -2.84 8.27 6.35
CA MET A 988 -2.56 9.67 6.01
C MET A 988 -3.63 10.24 5.06
N ALA A 989 -3.98 9.45 4.04
CA ALA A 989 -5.07 9.81 3.11
C ALA A 989 -6.44 9.88 3.81
N THR A 990 -6.62 9.12 4.89
CA THR A 990 -7.82 9.21 5.73
C THR A 990 -7.86 10.57 6.45
N ILE A 991 -6.80 10.89 7.18
CA ILE A 991 -6.72 12.16 7.94
C ILE A 991 -6.62 13.42 7.05
N ASP A 992 -6.07 13.27 5.85
CA ASP A 992 -6.03 14.37 4.87
C ASP A 992 -7.44 14.70 4.34
N ASP A 993 -8.04 13.71 3.69
CA ASP A 993 -9.27 13.90 2.93
C ASP A 993 -10.53 13.88 3.79
N MET A 994 -10.75 12.77 4.49
CA MET A 994 -12.03 12.48 5.14
C MET A 994 -12.25 13.22 6.47
N LEU A 995 -11.25 13.19 7.36
CA LEU A 995 -11.40 13.66 8.74
C LEU A 995 -11.93 15.10 8.92
N PRO A 996 -11.38 16.09 8.17
CA PRO A 996 -11.86 17.48 8.27
C PRO A 996 -13.40 17.64 8.22
N LEU A 997 -14.03 17.03 7.22
CA LEU A 997 -15.47 17.16 7.02
C LEU A 997 -16.31 16.32 7.99
N LEU A 998 -15.84 15.12 8.34
CA LEU A 998 -16.51 14.27 9.34
C LEU A 998 -16.45 14.89 10.74
N MET A 999 -15.28 15.41 11.09
CA MET A 999 -15.10 16.11 12.36
C MET A 999 -15.85 17.44 12.41
N PHE A 1000 -16.05 18.08 11.25
CA PHE A 1000 -16.96 19.22 11.13
C PHE A 1000 -18.42 18.81 11.31
N ASP A 1001 -18.82 17.78 10.58
CA ASP A 1001 -20.19 17.22 10.60
C ASP A 1001 -20.60 16.66 11.97
N PHE A 1002 -19.65 16.09 12.71
CA PHE A 1002 -19.91 15.54 14.04
C PHE A 1002 -20.31 16.60 15.08
N VAL A 1003 -19.65 17.75 15.05
CA VAL A 1003 -19.96 18.85 15.98
C VAL A 1003 -21.35 19.44 15.69
N GLN A 1004 -21.63 19.67 14.41
CA GLN A 1004 -22.94 20.16 13.94
C GLN A 1004 -24.09 19.31 14.49
N LEU A 1005 -24.04 18.01 14.20
CA LEU A 1005 -25.09 17.06 14.60
C LEU A 1005 -25.25 16.92 16.11
N THR A 1006 -24.14 16.99 16.86
CA THR A 1006 -24.21 16.99 18.33
C THR A 1006 -24.81 18.29 18.85
N VAL A 1007 -24.34 19.43 18.34
CA VAL A 1007 -24.85 20.75 18.76
C VAL A 1007 -26.35 20.88 18.45
N VAL A 1008 -26.77 20.46 17.25
CA VAL A 1008 -28.19 20.48 16.86
C VAL A 1008 -29.05 19.63 17.80
N VAL A 1009 -28.67 18.37 17.98
CA VAL A 1009 -29.48 17.41 18.76
C VAL A 1009 -29.45 17.73 20.26
N VAL A 1010 -28.25 17.91 20.81
CA VAL A 1010 -28.10 18.26 22.24
C VAL A 1010 -28.75 19.62 22.52
N GLY A 1011 -28.53 20.57 21.61
CA GLY A 1011 -29.20 21.87 21.67
C GLY A 1011 -30.71 21.76 21.65
N CYS A 1012 -31.24 20.95 20.74
CA CYS A 1012 -32.69 20.77 20.59
C CYS A 1012 -33.34 20.02 21.75
N ILE A 1013 -32.72 18.93 22.19
CA ILE A 1013 -33.23 18.11 23.30
C ILE A 1013 -33.39 18.92 24.60
N LEU A 1014 -32.43 19.80 24.89
CA LEU A 1014 -32.52 20.70 26.06
C LEU A 1014 -33.72 21.65 26.01
N VAL A 1015 -33.87 22.34 24.88
CA VAL A 1015 -34.92 23.37 24.72
C VAL A 1015 -36.34 22.81 24.57
N VAL A 1016 -36.48 21.64 23.93
CA VAL A 1016 -37.77 20.95 23.92
C VAL A 1016 -38.09 20.36 25.30
N SER A 1017 -37.04 20.01 26.05
CA SER A 1017 -37.20 19.50 27.42
C SER A 1017 -37.52 20.60 28.43
N ILE A 1018 -36.99 21.81 28.23
CA ILE A 1018 -37.26 22.92 29.16
C ILE A 1018 -38.76 23.22 29.28
N VAL A 1019 -39.49 23.05 28.17
CA VAL A 1019 -40.96 23.06 28.18
C VAL A 1019 -41.40 21.62 28.41
N ARG A 1020 -42.38 21.43 29.29
CA ARG A 1020 -42.87 20.09 29.68
C ARG A 1020 -41.72 19.20 30.22
N PRO A 1021 -41.26 19.46 31.47
CA PRO A 1021 -40.01 18.89 31.99
C PRO A 1021 -39.92 17.36 32.02
N TYR A 1022 -41.02 16.69 32.33
CA TYR A 1022 -41.01 15.24 32.56
C TYR A 1022 -40.70 14.38 31.33
N ILE A 1023 -40.65 14.98 30.13
CA ILE A 1023 -40.05 14.30 28.97
C ILE A 1023 -38.55 14.01 29.19
N PHE A 1024 -37.89 14.84 30.01
CA PHE A 1024 -36.53 14.60 30.49
C PHE A 1024 -36.39 13.33 31.38
N LEU A 1025 -37.45 12.97 32.11
CA LEU A 1025 -37.47 11.79 33.00
C LEU A 1025 -37.21 10.46 32.27
N ALA A 1026 -37.78 10.33 31.08
CA ALA A 1026 -37.57 9.17 30.22
C ALA A 1026 -36.15 9.06 29.65
N ALA A 1027 -35.55 10.21 29.35
CA ALA A 1027 -34.24 10.27 28.70
C ALA A 1027 -33.06 10.03 29.62
N THR A 1028 -33.23 10.29 30.92
CA THR A 1028 -32.13 10.10 31.89
C THR A 1028 -31.62 8.64 31.96
N PRO A 1029 -32.53 7.66 32.09
CA PRO A 1029 -32.15 6.25 32.29
C PRO A 1029 -31.43 5.56 31.10
N LEU A 1030 -32.05 5.58 29.92
CA LEU A 1030 -31.51 4.88 28.73
C LEU A 1030 -30.33 5.53 28.00
N ALA A 1031 -30.17 6.85 28.17
CA ALA A 1031 -29.07 7.58 27.53
C ALA A 1031 -27.81 7.02 28.16
N ILE A 1032 -27.83 6.87 29.48
CA ILE A 1032 -26.75 6.21 30.21
C ILE A 1032 -26.70 4.71 29.86
N ILE A 1033 -27.87 4.09 29.67
CA ILE A 1033 -27.93 2.70 29.14
C ILE A 1033 -27.32 2.61 27.73
N PHE A 1034 -27.58 3.62 26.89
CA PHE A 1034 -27.00 3.70 25.55
C PHE A 1034 -25.48 3.90 25.60
N ILE A 1035 -25.03 4.83 26.45
CA ILE A 1035 -23.59 5.12 26.63
C ILE A 1035 -22.82 3.88 27.14
N VAL A 1036 -23.43 3.10 28.03
CA VAL A 1036 -22.87 1.82 28.47
C VAL A 1036 -22.76 0.84 27.30
N MET A 1037 -23.82 0.75 26.50
CA MET A 1037 -23.86 -0.13 25.31
C MET A 1037 -22.81 0.25 24.28
N ARG A 1038 -22.52 1.55 24.16
CA ARG A 1038 -21.46 2.06 23.28
C ARG A 1038 -20.08 1.62 23.79
N LYS A 1039 -19.84 1.83 25.08
CA LYS A 1039 -18.58 1.40 25.73
C LYS A 1039 -18.41 -0.11 25.73
N TYR A 1040 -19.52 -0.85 25.72
CA TYR A 1040 -19.49 -2.30 25.55
C TYR A 1040 -19.02 -2.71 24.14
N PHE A 1041 -19.53 -2.03 23.11
CA PHE A 1041 -19.13 -2.27 21.72
C PHE A 1041 -17.69 -1.82 21.43
N LEU A 1042 -17.38 -0.57 21.78
CA LEU A 1042 -16.04 0.02 21.57
C LEU A 1042 -14.86 -0.79 22.14
N ARG A 1043 -15.08 -1.54 23.21
CA ARG A 1043 -14.04 -2.39 23.79
C ARG A 1043 -13.65 -3.53 22.83
N THR A 1044 -14.66 -4.18 22.25
CA THR A 1044 -14.44 -5.37 21.40
C THR A 1044 -14.29 -5.06 19.90
N GLY A 1045 -15.06 -4.11 19.40
CA GLY A 1045 -15.07 -3.77 17.97
C GLY A 1045 -13.83 -3.01 17.53
N GLN A 1046 -13.59 -1.87 18.17
CA GLN A 1046 -12.45 -0.99 17.87
C GLN A 1046 -11.11 -1.72 17.93
N GLN A 1047 -11.01 -2.64 18.89
CA GLN A 1047 -9.87 -3.54 19.02
C GLN A 1047 -9.79 -4.54 17.86
N LEU A 1048 -10.93 -5.08 17.45
CA LEU A 1048 -11.03 -6.00 16.31
C LEU A 1048 -10.69 -5.32 14.97
N LYS A 1049 -11.05 -4.05 14.83
CA LYS A 1049 -10.71 -3.26 13.64
C LYS A 1049 -9.20 -3.11 13.39
N GLN A 1050 -8.42 -2.96 14.45
CA GLN A 1050 -6.96 -2.84 14.34
C GLN A 1050 -6.30 -4.13 13.84
N LEU A 1051 -6.91 -5.27 14.14
CA LEU A 1051 -6.47 -6.56 13.57
C LEU A 1051 -6.76 -6.64 12.07
N GLU A 1052 -7.91 -6.08 11.66
CA GLU A 1052 -8.32 -6.05 10.25
C GLU A 1052 -7.40 -5.20 9.37
N THR A 1053 -6.97 -4.05 9.90
CA THR A 1053 -6.07 -3.14 9.17
C THR A 1053 -4.65 -3.70 9.03
N GLU A 1054 -4.18 -4.46 10.02
CA GLU A 1054 -2.92 -5.20 9.91
C GLU A 1054 -3.01 -6.36 8.92
N ALA A 1055 -4.18 -7.01 8.86
CA ALA A 1055 -4.44 -8.10 7.90
C ALA A 1055 -4.50 -7.65 6.43
N ARG A 1056 -4.64 -6.34 6.21
CA ARG A 1056 -4.56 -5.74 4.87
C ARG A 1056 -3.17 -5.76 4.25
N SER A 1057 -2.13 -5.70 5.07
CA SER A 1057 -0.75 -5.55 4.60
C SER A 1057 -0.17 -6.76 3.85
N PRO A 1058 -0.43 -8.01 4.32
CA PRO A 1058 0.04 -9.20 3.59
C PRO A 1058 -0.46 -9.37 2.15
N ILE A 1059 -1.57 -8.75 1.78
CA ILE A 1059 -2.12 -8.85 0.43
C ILE A 1059 -1.17 -8.19 -0.58
N PHE A 1060 -0.94 -6.89 -0.37
CA PHE A 1060 -0.17 -6.07 -1.33
C PHE A 1060 1.31 -6.41 -1.34
N SER A 1061 1.85 -6.73 -0.16
CA SER A 1061 3.24 -7.18 -0.03
C SER A 1061 3.45 -8.53 -0.70
N HIS A 1062 2.40 -9.34 -0.76
CA HIS A 1062 2.43 -10.60 -1.51
C HIS A 1062 2.23 -10.37 -3.01
N LEU A 1063 1.38 -9.40 -3.36
CA LEU A 1063 1.17 -9.02 -4.75
C LEU A 1063 2.42 -8.43 -5.42
N ILE A 1064 2.99 -7.39 -4.80
CA ILE A 1064 4.13 -6.66 -5.39
C ILE A 1064 5.40 -7.51 -5.46
N MET A 1065 5.61 -8.34 -4.43
CA MET A 1065 6.70 -9.33 -4.40
C MET A 1065 6.60 -10.35 -5.54
N SER A 1066 5.37 -10.75 -5.88
CA SER A 1066 5.14 -11.70 -6.98
C SER A 1066 5.55 -11.16 -8.35
N LEU A 1067 5.40 -9.85 -8.56
CA LEU A 1067 5.77 -9.22 -9.84
C LEU A 1067 7.28 -9.04 -10.05
N LYS A 1068 8.05 -9.04 -8.97
CA LYS A 1068 9.51 -8.87 -9.06
C LYS A 1068 10.16 -10.10 -9.67
N GLY A 1069 9.89 -11.26 -9.07
CA GLY A 1069 10.45 -12.54 -9.51
C GLY A 1069 9.44 -13.44 -10.24
N LEU A 1070 8.67 -12.84 -11.14
CA LEU A 1070 7.65 -13.57 -11.91
C LEU A 1070 8.27 -14.55 -12.91
N TRP A 1071 9.43 -14.19 -13.46
CA TRP A 1071 10.15 -15.01 -14.44
C TRP A 1071 10.49 -16.42 -13.94
N THR A 1072 10.88 -16.52 -12.67
CA THR A 1072 11.19 -17.82 -12.04
C THR A 1072 9.90 -18.64 -11.81
N ILE A 1073 8.87 -17.98 -11.27
CA ILE A 1073 7.56 -18.60 -11.01
C ILE A 1073 7.04 -19.31 -12.27
N ARG A 1074 7.22 -18.68 -13.43
CA ARG A 1074 6.91 -19.30 -14.72
C ARG A 1074 7.82 -20.48 -15.04
N ALA A 1075 9.12 -20.32 -14.81
CA ALA A 1075 10.10 -21.38 -15.11
C ALA A 1075 9.85 -22.65 -14.31
N PHE A 1076 9.60 -22.49 -13.02
CA PHE A 1076 9.32 -23.62 -12.11
C PHE A 1076 7.87 -24.12 -12.11
N GLU A 1077 7.00 -23.48 -12.90
CA GLU A 1077 5.54 -23.76 -12.97
C GLU A 1077 4.87 -23.90 -11.59
N ARG A 1078 4.89 -22.79 -10.84
CA ARG A 1078 4.36 -22.70 -9.47
C ARG A 1078 3.25 -21.65 -9.33
N GLN A 1079 2.50 -21.42 -10.40
CA GLN A 1079 1.48 -20.37 -10.45
C GLN A 1079 0.26 -20.69 -9.58
N ALA A 1080 -0.19 -21.94 -9.63
CA ALA A 1080 -1.32 -22.42 -8.82
C ALA A 1080 -1.02 -22.37 -7.33
N TYR A 1081 0.25 -22.65 -6.97
CA TYR A 1081 0.70 -22.58 -5.57
C TYR A 1081 0.57 -21.17 -4.99
N PHE A 1082 0.98 -20.17 -5.76
CA PHE A 1082 0.88 -18.76 -5.36
C PHE A 1082 -0.57 -18.25 -5.26
N GLU A 1083 -1.45 -18.76 -6.12
CA GLU A 1083 -2.90 -18.45 -6.01
C GLU A 1083 -3.47 -18.95 -4.69
N ALA A 1084 -3.18 -20.20 -4.37
CA ALA A 1084 -3.60 -20.82 -3.11
C ALA A 1084 -3.08 -20.02 -1.90
N LEU A 1085 -1.80 -19.63 -1.97
CA LEU A 1085 -1.18 -18.82 -0.93
C LEU A 1085 -1.82 -17.44 -0.84
N PHE A 1086 -2.16 -16.87 -2.00
CA PHE A 1086 -2.83 -15.58 -2.09
C PHE A 1086 -4.26 -15.59 -1.52
N HIS A 1087 -5.00 -16.69 -1.73
CA HIS A 1087 -6.35 -16.82 -1.16
C HIS A 1087 -6.35 -16.97 0.37
N LYS A 1088 -5.35 -17.65 0.91
CA LYS A 1088 -5.17 -17.78 2.37
C LYS A 1088 -5.01 -16.42 3.04
N THR A 1089 -4.20 -15.54 2.44
CA THR A 1089 -4.00 -14.18 2.95
C THR A 1089 -5.25 -13.29 2.85
N LEU A 1090 -6.12 -13.58 1.89
CA LEU A 1090 -7.43 -12.93 1.79
C LEU A 1090 -8.42 -13.46 2.83
N ASN A 1091 -8.52 -14.78 2.96
CA ASN A 1091 -9.51 -15.39 3.86
C ASN A 1091 -9.31 -15.02 5.33
N THR A 1092 -8.06 -14.82 5.74
CA THR A 1092 -7.75 -14.33 7.09
C THR A 1092 -8.21 -12.89 7.27
N HIS A 1093 -8.08 -12.08 6.20
CA HIS A 1093 -8.53 -10.69 6.22
C HIS A 1093 -10.05 -10.58 6.24
N THR A 1094 -10.73 -11.25 5.29
CA THR A 1094 -12.19 -11.15 5.17
C THR A 1094 -12.94 -11.71 6.37
N ALA A 1095 -12.34 -12.70 7.03
CA ALA A 1095 -12.86 -13.23 8.30
C ALA A 1095 -12.96 -12.12 9.33
N THR A 1096 -11.88 -11.35 9.47
CA THR A 1096 -11.83 -10.23 10.41
C THR A 1096 -12.80 -9.12 10.04
N TRP A 1097 -12.88 -8.83 8.74
CA TRP A 1097 -13.71 -7.74 8.24
C TRP A 1097 -15.20 -8.07 8.37
N PHE A 1098 -15.54 -9.33 8.09
CA PHE A 1098 -16.94 -9.80 8.20
C PHE A 1098 -17.42 -9.77 9.63
N LEU A 1099 -16.55 -10.19 10.54
CA LEU A 1099 -16.83 -10.23 11.98
C LEU A 1099 -17.05 -8.82 12.54
N TYR A 1100 -16.13 -7.91 12.21
CA TYR A 1100 -16.23 -6.50 12.64
C TYR A 1100 -17.52 -5.85 12.13
N LEU A 1101 -17.78 -6.04 10.84
CA LEU A 1101 -18.98 -5.50 10.19
C LEU A 1101 -20.28 -6.01 10.82
N SER A 1102 -20.27 -7.26 11.29
CA SER A 1102 -21.44 -7.86 11.96
C SER A 1102 -21.66 -7.29 13.36
N THR A 1103 -20.58 -7.14 14.12
CA THR A 1103 -20.62 -6.58 15.48
C THR A 1103 -21.10 -5.11 15.49
N LEU A 1104 -20.84 -4.39 14.40
CA LEU A 1104 -21.37 -3.04 14.20
C LEU A 1104 -22.89 -3.07 14.03
N ARG A 1105 -23.36 -3.98 13.19
CA ARG A 1105 -24.80 -4.15 12.93
C ARG A 1105 -25.58 -4.56 14.17
N TRP A 1106 -24.95 -5.33 15.04
CA TRP A 1106 -25.52 -5.67 16.34
C TRP A 1106 -25.84 -4.39 17.11
N PHE A 1107 -24.81 -3.57 17.31
CA PHE A 1107 -24.95 -2.27 17.99
C PHE A 1107 -25.96 -1.36 17.29
N LEU A 1108 -25.87 -1.26 15.97
CA LEU A 1108 -26.79 -0.42 15.18
C LEU A 1108 -28.25 -0.89 15.26
N PHE A 1109 -28.46 -2.20 15.33
CA PHE A 1109 -29.82 -2.76 15.48
C PHE A 1109 -30.32 -2.61 16.91
N ARG A 1110 -29.43 -2.84 17.89
CA ARG A 1110 -29.75 -2.64 19.31
C ARG A 1110 -30.03 -1.18 19.64
N ALA A 1111 -29.41 -0.26 18.90
CA ALA A 1111 -29.69 1.17 19.03
C ALA A 1111 -31.14 1.53 18.68
N ASP A 1112 -31.67 0.86 17.66
CA ASP A 1112 -33.05 1.09 17.19
C ASP A 1112 -34.09 0.47 18.13
N ILE A 1113 -33.89 -0.81 18.49
CA ILE A 1113 -34.78 -1.50 19.43
C ILE A 1113 -34.83 -0.74 20.77
N LEU A 1114 -33.67 -0.24 21.21
CA LEU A 1114 -33.59 0.63 22.38
C LEU A 1114 -34.41 1.91 22.21
N PHE A 1115 -34.49 2.43 20.98
CA PHE A 1115 -35.31 3.61 20.70
C PHE A 1115 -36.82 3.38 20.91
N VAL A 1116 -37.29 2.16 20.63
CA VAL A 1116 -38.71 1.80 20.84
C VAL A 1116 -39.12 1.89 22.32
N PHE A 1117 -38.20 1.56 23.24
CA PHE A 1117 -38.47 1.69 24.69
C PHE A 1117 -38.58 3.14 25.17
N PHE A 1118 -37.70 4.01 24.69
CA PHE A 1118 -37.77 5.46 24.97
C PHE A 1118 -39.13 6.03 24.56
N PHE A 1119 -39.48 5.78 23.31
CA PHE A 1119 -40.74 6.18 22.69
C PHE A 1119 -42.01 5.77 23.45
N THR A 1120 -42.12 4.47 23.73
CA THR A 1120 -43.33 3.92 24.38
C THR A 1120 -43.46 4.32 25.85
N LEU A 1121 -42.34 4.37 26.58
CA LEU A 1121 -42.36 4.84 27.97
C LEU A 1121 -42.51 6.37 28.04
N ALA A 1122 -42.03 7.08 27.01
CA ALA A 1122 -42.37 8.49 26.84
C ALA A 1122 -43.87 8.66 26.56
N ALA A 1123 -44.44 7.76 25.77
CA ALA A 1123 -45.89 7.69 25.56
C ALA A 1123 -46.66 7.28 26.84
N TRP A 1124 -46.13 6.29 27.55
CA TRP A 1124 -46.78 5.73 28.74
C TRP A 1124 -46.76 6.70 29.94
N ILE A 1125 -45.59 7.26 30.21
CA ILE A 1125 -45.43 8.22 31.32
C ILE A 1125 -46.14 9.53 31.00
N ALA A 1126 -45.94 10.07 29.80
CA ALA A 1126 -46.65 11.28 29.37
C ALA A 1126 -48.11 10.92 29.10
N VAL A 1127 -48.92 11.01 30.14
CA VAL A 1127 -50.35 10.70 30.08
C VAL A 1127 -51.07 11.47 31.19
N GLY A 1128 -52.35 11.76 30.97
CA GLY A 1128 -53.18 12.44 31.95
C GLY A 1128 -53.48 11.62 33.19
N THR A 1129 -53.01 12.08 34.34
CA THR A 1129 -53.46 11.56 35.64
C THR A 1129 -54.91 11.98 35.85
N ASN A 1130 -55.15 13.27 35.65
CA ASN A 1130 -56.50 13.81 35.48
C ASN A 1130 -56.89 13.79 34.00
N GLN A 1131 -58.14 14.14 33.71
CA GLN A 1131 -58.67 14.19 32.34
C GLN A 1131 -57.92 15.21 31.46
N ASP A 1132 -57.05 14.70 30.59
CA ASP A 1132 -56.46 15.52 29.51
C ASP A 1132 -57.52 15.75 28.42
N LYS A 1133 -58.36 16.77 28.63
CA LYS A 1133 -59.48 17.06 27.72
C LYS A 1133 -59.08 17.67 26.35
N PRO A 1134 -57.95 18.40 26.28
CA PRO A 1134 -57.40 18.67 24.93
C PRO A 1134 -56.84 17.40 24.30
N GLY A 1135 -56.11 16.63 25.12
CA GLY A 1135 -55.57 15.35 24.71
C GLY A 1135 -54.38 15.51 23.78
N GLU A 1136 -54.30 14.60 22.81
CA GLU A 1136 -53.32 14.67 21.71
C GLU A 1136 -51.84 14.66 22.13
N ILE A 1137 -51.54 13.90 23.18
CA ILE A 1137 -50.15 13.65 23.58
C ILE A 1137 -49.39 12.99 22.42
N GLY A 1138 -50.12 12.38 21.49
CA GLY A 1138 -49.62 12.06 20.14
C GLY A 1138 -48.74 13.10 19.46
N ILE A 1139 -49.04 14.39 19.65
CA ILE A 1139 -48.15 15.44 19.10
C ILE A 1139 -46.71 15.34 19.67
N ILE A 1140 -46.59 14.88 20.92
CA ILE A 1140 -45.29 14.58 21.53
C ILE A 1140 -44.66 13.33 20.90
N ILE A 1141 -45.52 12.38 20.50
CA ILE A 1141 -45.09 11.26 19.64
C ILE A 1141 -44.48 11.81 18.35
N CYS A 1142 -45.18 12.76 17.74
CA CYS A 1142 -44.73 13.44 16.52
C CYS A 1142 -43.43 14.26 16.70
N LEU A 1143 -43.30 15.00 17.80
CA LEU A 1143 -42.09 15.81 18.04
C LEU A 1143 -40.87 14.91 18.24
N ALA A 1144 -41.05 13.81 18.98
CA ALA A 1144 -40.01 12.80 19.18
C ALA A 1144 -39.67 12.05 17.90
N MET A 1145 -40.71 11.70 17.13
CA MET A 1145 -40.56 10.98 15.86
C MET A 1145 -39.55 11.61 14.90
N LEU A 1146 -39.65 12.93 14.72
CA LEU A 1146 -38.79 13.65 13.75
C LEU A 1146 -37.39 13.98 14.28
N ILE A 1147 -37.31 14.54 15.50
CA ILE A 1147 -36.02 14.95 16.09
C ILE A 1147 -35.01 13.81 16.22
N LEU A 1148 -35.50 12.61 16.55
CA LEU A 1148 -34.65 11.44 16.74
C LEU A 1148 -34.45 10.62 15.45
N GLY A 1149 -35.11 11.03 14.37
CA GLY A 1149 -34.84 10.49 13.03
C GLY A 1149 -33.42 10.77 12.55
N THR A 1150 -32.96 12.01 12.78
CA THR A 1150 -31.57 12.40 12.52
C THR A 1150 -30.56 11.90 13.58
N PHE A 1151 -31.04 11.57 14.78
CA PHE A 1151 -30.20 11.01 15.85
C PHE A 1151 -29.50 9.70 15.43
N GLN A 1152 -30.16 8.90 14.60
CA GLN A 1152 -29.57 7.71 13.99
C GLN A 1152 -28.36 8.07 13.12
N TRP A 1153 -28.51 9.13 12.33
CA TRP A 1153 -27.42 9.69 11.52
C TRP A 1153 -26.31 10.33 12.39
N CYS A 1154 -26.71 10.94 13.50
CA CYS A 1154 -25.77 11.49 14.50
C CYS A 1154 -24.95 10.40 15.20
N VAL A 1155 -25.60 9.29 15.55
CA VAL A 1155 -24.91 8.11 16.11
C VAL A 1155 -24.04 7.45 15.04
N ALA A 1156 -24.60 7.25 13.85
CA ALA A 1156 -23.88 6.64 12.71
C ALA A 1156 -22.50 7.26 12.44
N THR A 1157 -22.42 8.58 12.57
CA THR A 1157 -21.14 9.29 12.51
C THR A 1157 -20.26 9.01 13.72
N SER A 1158 -20.85 9.02 14.93
CA SER A 1158 -20.10 8.79 16.19
C SER A 1158 -19.17 7.58 16.17
N ILE A 1159 -19.63 6.48 15.55
CA ILE A 1159 -18.83 5.27 15.36
C ILE A 1159 -17.74 5.52 14.30
N ALA A 1160 -18.12 6.17 13.20
CA ALA A 1160 -17.22 6.40 12.07
C ALA A 1160 -16.04 7.31 12.43
N VAL A 1161 -16.34 8.43 13.08
CA VAL A 1161 -15.32 9.40 13.51
C VAL A 1161 -14.38 8.82 14.58
N ASP A 1162 -14.94 8.10 15.55
CA ASP A 1162 -14.15 7.57 16.68
C ASP A 1162 -13.20 6.45 16.26
N GLY A 1163 -13.73 5.49 15.49
CA GLY A 1163 -12.93 4.41 14.93
C GLY A 1163 -11.86 4.87 13.96
N MET A 1164 -12.21 5.88 13.15
CA MET A 1164 -11.26 6.51 12.22
C MET A 1164 -10.23 7.38 12.96
N MET A 1165 -10.62 7.96 14.09
CA MET A 1165 -9.68 8.69 14.96
C MET A 1165 -8.53 7.83 15.49
N ARG A 1166 -8.78 6.52 15.68
CA ARG A 1166 -7.74 5.59 16.15
C ARG A 1166 -6.60 5.33 15.15
N SER A 1167 -6.80 5.70 13.88
CA SER A 1167 -5.70 5.71 12.89
C SER A 1167 -4.63 6.77 13.21
N VAL A 1168 -5.00 7.79 13.98
CA VAL A 1168 -4.08 8.85 14.40
C VAL A 1168 -3.04 8.31 15.40
N ASP A 1169 -3.45 7.39 16.27
CA ASP A 1169 -2.54 6.72 17.22
C ASP A 1169 -1.41 5.95 16.53
N ARG A 1170 -1.73 5.35 15.37
CA ARG A 1170 -0.75 4.62 14.56
C ARG A 1170 0.34 5.55 14.04
N VAL A 1171 -0.03 6.79 13.72
CA VAL A 1171 0.94 7.83 13.38
C VAL A 1171 1.73 8.24 14.63
N PHE A 1172 1.02 8.52 15.72
CA PHE A 1172 1.66 8.88 16.99
C PHE A 1172 2.62 7.84 17.57
N LYS A 1173 2.45 6.56 17.21
CA LYS A 1173 3.47 5.54 17.48
C LYS A 1173 4.77 5.82 16.70
N PHE A 1174 4.64 6.17 15.43
CA PHE A 1174 5.78 6.44 14.54
C PHE A 1174 6.49 7.77 14.84
N ILE A 1175 5.75 8.78 15.28
CA ILE A 1175 6.34 10.05 15.73
C ILE A 1175 7.21 9.85 16.97
N ASP A 1176 6.74 9.00 17.90
CA ASP A 1176 7.46 8.65 19.12
C ASP A 1176 8.14 7.28 18.98
N LEU A 1177 8.94 7.14 17.91
CA LEU A 1177 9.71 5.93 17.60
C LEU A 1177 11.18 6.19 17.98
N PRO A 1178 11.86 5.22 18.65
CA PRO A 1178 13.19 5.49 19.21
C PRO A 1178 14.25 5.84 18.17
N SER A 1179 14.97 6.93 18.42
CA SER A 1179 15.97 7.47 17.49
C SER A 1179 17.22 7.96 18.23
N GLU A 1180 18.25 8.31 17.46
CA GLU A 1180 19.55 8.76 18.02
C GLU A 1180 19.67 10.29 17.97
N THR A 1181 19.79 10.91 19.15
CA THR A 1181 19.87 12.38 19.28
C THR A 1181 21.28 12.89 19.00
N SER A 1203 37.07 23.38 13.15
CA SER A 1203 38.19 23.48 12.22
C SER A 1203 37.95 22.71 10.92
N SER A 1204 38.88 22.85 9.98
CA SER A 1204 38.83 22.16 8.69
C SER A 1204 39.17 20.68 8.90
N TRP A 1205 38.29 19.80 8.42
CA TRP A 1205 38.41 18.36 8.65
C TRP A 1205 39.62 17.81 7.87
N PRO A 1206 40.44 16.96 8.53
CA PRO A 1206 41.84 16.89 8.13
C PRO A 1206 42.12 16.19 6.81
N HIS A 1207 42.76 16.94 5.92
CA HIS A 1207 43.48 16.42 4.75
C HIS A 1207 44.21 15.11 5.04
N ARG A 1208 44.77 14.98 6.25
CA ARG A 1208 45.32 13.71 6.73
C ARG A 1208 44.17 12.71 6.90
N GLY A 1209 44.08 11.78 5.96
CA GLY A 1209 43.11 10.68 6.03
C GLY A 1209 43.69 9.47 6.76
N GLN A 1210 44.11 9.68 8.00
CA GLN A 1210 44.67 8.62 8.84
C GLN A 1210 43.52 7.94 9.58
N ILE A 1211 43.47 6.62 9.52
CA ILE A 1211 42.45 5.83 10.24
C ILE A 1211 43.06 4.57 10.89
N GLU A 1212 42.71 4.35 12.15
CA GLU A 1212 43.05 3.12 12.88
C GLU A 1212 41.88 2.62 13.73
N VAL A 1213 41.79 1.30 13.84
CA VAL A 1213 40.77 0.62 14.64
C VAL A 1213 41.49 -0.44 15.48
N ARG A 1214 41.02 -0.62 16.72
CA ARG A 1214 41.58 -1.61 17.65
C ARG A 1214 40.49 -2.24 18.51
N ASN A 1215 40.51 -3.57 18.60
CA ASN A 1215 39.61 -4.35 19.43
C ASN A 1215 38.12 -4.07 19.18
N LEU A 1216 37.75 -3.92 17.91
CA LEU A 1216 36.36 -3.72 17.49
C LEU A 1216 35.58 -5.04 17.44
N THR A 1217 34.30 -4.97 17.80
CA THR A 1217 33.38 -6.11 17.79
C THR A 1217 31.99 -5.60 17.40
N VAL A 1218 31.40 -6.19 16.35
CA VAL A 1218 30.13 -5.72 15.77
C VAL A 1218 29.00 -6.76 15.91
N LYS A 1219 27.78 -6.26 16.08
CA LYS A 1219 26.57 -7.11 16.20
C LYS A 1219 25.38 -6.41 15.54
N TYR A 1220 24.59 -7.17 14.78
CA TYR A 1220 23.37 -6.64 14.14
C TYR A 1220 22.24 -6.54 15.16
N THR A 1221 21.85 -7.68 15.72
CA THR A 1221 20.80 -7.75 16.75
C THR A 1221 21.44 -7.71 18.13
N GLU A 1222 20.97 -6.81 18.98
CA GLU A 1222 21.42 -6.73 20.38
C GLU A 1222 21.11 -8.04 21.11
N ALA A 1223 22.07 -8.49 21.92
CA ALA A 1223 22.04 -9.81 22.56
C ALA A 1223 21.93 -10.95 21.52
N GLY A 1224 22.79 -10.90 20.52
CA GLY A 1224 22.88 -11.91 19.47
C GLY A 1224 24.31 -12.36 19.21
N HIS A 1225 24.52 -13.02 18.06
CA HIS A 1225 25.84 -13.55 17.69
C HIS A 1225 26.77 -12.44 17.21
N ALA A 1226 28.06 -12.77 17.11
CA ALA A 1226 29.10 -11.84 16.68
C ALA A 1226 29.53 -12.09 15.25
N VAL A 1227 29.54 -11.03 14.43
CA VAL A 1227 29.99 -11.08 13.03
C VAL A 1227 31.50 -10.83 12.94
N LEU A 1228 31.97 -9.83 13.68
CA LEU A 1228 33.41 -9.57 13.87
C LEU A 1228 33.73 -9.59 15.36
N LYS A 1229 34.96 -9.98 15.71
CA LYS A 1229 35.39 -10.10 17.10
C LYS A 1229 36.89 -9.81 17.22
N ASN A 1230 37.22 -8.79 18.02
CA ASN A 1230 38.60 -8.33 18.24
C ASN A 1230 39.31 -7.84 16.97
N LEU A 1231 38.60 -7.06 16.16
CA LEU A 1231 39.18 -6.51 14.92
C LEU A 1231 40.11 -5.33 15.23
N SER A 1232 41.27 -5.30 14.58
CA SER A 1232 42.29 -4.28 14.79
C SER A 1232 43.15 -4.07 13.55
N PHE A 1233 43.15 -2.86 12.98
CA PHE A 1233 44.02 -2.53 11.83
C PHE A 1233 44.23 -1.03 11.69
N SER A 1234 45.11 -0.66 10.76
CA SER A 1234 45.44 0.76 10.51
C SER A 1234 45.74 1.03 9.03
N ALA A 1235 45.44 2.25 8.58
CA ALA A 1235 45.73 2.69 7.20
C ALA A 1235 46.44 4.05 7.18
N GLU A 1236 47.48 4.16 6.36
CA GLU A 1236 48.30 5.37 6.28
C GLU A 1236 47.57 6.48 5.51
N GLY A 1237 47.93 7.71 5.83
CA GLY A 1237 47.33 8.92 5.23
C GLY A 1237 47.33 8.94 3.71
N ARG A 1238 46.15 8.79 3.13
CA ARG A 1238 45.92 8.70 1.69
C ARG A 1238 46.63 7.48 1.07
N GLN A 1239 46.43 6.32 1.69
CA GLN A 1239 46.99 5.05 1.22
C GLN A 1239 45.91 4.17 0.61
N ARG A 1240 46.29 3.37 -0.39
CA ARG A 1240 45.37 2.48 -1.11
C ARG A 1240 45.44 1.07 -0.52
N VAL A 1241 44.34 0.65 0.11
CA VAL A 1241 44.28 -0.58 0.90
C VAL A 1241 43.35 -1.59 0.21
N GLY A 1242 43.73 -2.87 0.28
CA GLY A 1242 42.95 -3.96 -0.32
C GLY A 1242 42.35 -4.88 0.74
N ILE A 1243 41.05 -5.13 0.64
CA ILE A 1243 40.35 -6.05 1.55
C ILE A 1243 39.94 -7.31 0.77
N LEU A 1244 40.23 -8.47 1.35
CA LEU A 1244 39.85 -9.76 0.79
C LEU A 1244 39.25 -10.63 1.89
N GLY A 1245 38.61 -11.70 1.46
CA GLY A 1245 37.99 -12.67 2.37
C GLY A 1245 36.95 -13.52 1.69
N ARG A 1246 36.64 -14.65 2.29
CA ARG A 1246 35.63 -15.57 1.77
C ARG A 1246 34.24 -14.94 1.85
N THR A 1247 33.36 -15.37 0.94
CA THR A 1247 31.98 -14.88 0.89
C THR A 1247 31.24 -15.18 2.20
N GLY A 1248 30.71 -14.12 2.81
CA GLY A 1248 30.09 -14.22 4.13
C GLY A 1248 31.09 -14.22 5.28
N SER A 1249 32.14 -13.42 5.15
CA SER A 1249 33.13 -13.18 6.21
C SER A 1249 32.86 -11.89 7.00
N GLY A 1250 32.28 -10.88 6.32
CA GLY A 1250 31.88 -9.61 6.96
C GLY A 1250 32.39 -8.31 6.33
N LYS A 1251 32.80 -8.35 5.06
CA LYS A 1251 33.42 -7.19 4.40
C LYS A 1251 32.49 -5.99 4.31
N SER A 1252 31.19 -6.23 4.08
CA SER A 1252 30.19 -5.17 4.11
C SER A 1252 29.96 -4.67 5.54
N SER A 1253 29.83 -5.59 6.50
CA SER A 1253 29.51 -5.24 7.89
C SER A 1253 30.56 -4.33 8.55
N LEU A 1254 31.81 -4.44 8.09
CA LEU A 1254 32.87 -3.52 8.46
C LEU A 1254 32.49 -2.08 8.06
N PHE A 1255 32.02 -1.90 6.82
CA PHE A 1255 31.58 -0.58 6.34
C PHE A 1255 30.35 -0.06 7.08
N ASN A 1256 29.46 -0.98 7.47
CA ASN A 1256 28.32 -0.65 8.33
C ASN A 1256 28.75 -0.25 9.75
N ALA A 1257 29.82 -0.89 10.24
CA ALA A 1257 30.43 -0.54 11.54
C ALA A 1257 31.09 0.83 11.48
N LEU A 1258 31.92 1.06 10.46
CA LEU A 1258 32.56 2.37 10.24
C LEU A 1258 31.56 3.54 10.14
N LEU A 1259 30.45 3.32 9.44
CA LEU A 1259 29.40 4.33 9.26
C LEU A 1259 28.36 4.39 10.39
N LYS A 1260 28.45 3.48 11.36
CA LYS A 1260 27.50 3.38 12.48
C LYS A 1260 26.05 3.08 12.02
N LEU A 1261 25.88 1.89 11.47
CA LEU A 1261 24.56 1.32 11.18
C LEU A 1261 24.23 0.08 12.04
N VAL A 1262 25.17 -0.31 12.91
CA VAL A 1262 25.06 -1.52 13.74
C VAL A 1262 25.76 -1.32 15.09
N TYR A 1263 25.46 -2.21 16.04
CA TYR A 1263 26.02 -2.12 17.40
C TYR A 1263 27.48 -2.54 17.40
N THR A 1264 28.32 -1.74 18.06
CA THR A 1264 29.77 -1.90 18.06
C THR A 1264 30.36 -1.81 19.47
N ASP A 1265 31.57 -2.38 19.64
CA ASP A 1265 32.34 -2.26 20.88
C ASP A 1265 33.83 -2.05 20.57
N GLY A 1266 34.23 -0.78 20.50
CA GLY A 1266 35.62 -0.39 20.23
C GLY A 1266 35.82 1.12 20.12
N GLU A 1267 36.95 1.53 19.54
CA GLU A 1267 37.28 2.94 19.32
C GLU A 1267 37.96 3.15 17.96
N ILE A 1268 37.14 3.47 16.96
CA ILE A 1268 37.60 3.81 15.61
C ILE A 1268 38.14 5.25 15.65
N SER A 1269 39.40 5.42 15.24
CA SER A 1269 40.10 6.71 15.31
C SER A 1269 40.32 7.34 13.94
N ILE A 1270 40.12 8.65 13.84
CA ILE A 1270 40.45 9.44 12.66
C ILE A 1270 41.25 10.66 13.12
N ASP A 1271 42.51 10.75 12.71
CA ASP A 1271 43.43 11.84 13.07
C ASP A 1271 43.54 12.08 14.60
N GLY A 1272 43.50 11.00 15.36
CA GLY A 1272 43.47 11.06 16.82
C GLY A 1272 42.16 11.59 17.40
N VAL A 1273 41.07 11.43 16.64
CA VAL A 1273 39.75 11.94 17.02
C VAL A 1273 38.73 10.82 16.85
N ASN A 1274 37.67 10.85 17.64
CA ASN A 1274 36.53 9.94 17.48
C ASN A 1274 35.19 10.62 17.79
N TRP A 1275 34.14 9.84 17.94
CA TRP A 1275 32.76 10.34 18.18
C TRP A 1275 32.48 10.97 19.57
N ASN A 1276 33.45 10.91 20.48
CA ASN A 1276 33.36 11.58 21.80
C ASN A 1276 32.85 13.03 21.75
N LYS A 1277 33.30 13.79 20.75
CA LYS A 1277 32.88 15.17 20.51
C LYS A 1277 31.91 15.29 19.33
N MET A 1278 32.23 14.62 18.23
CA MET A 1278 31.50 14.75 16.98
C MET A 1278 30.13 14.07 17.01
N PRO A 1279 29.10 14.69 16.38
CA PRO A 1279 27.83 13.97 16.17
C PRO A 1279 27.92 12.97 15.01
N LEU A 1280 26.82 12.26 14.78
CA LEU A 1280 26.74 11.27 13.69
C LEU A 1280 26.74 11.93 12.31
N GLN A 1281 26.00 13.03 12.16
CA GLN A 1281 25.87 13.76 10.90
C GLN A 1281 27.23 14.10 10.28
N LYS A 1282 28.09 14.72 11.09
CA LYS A 1282 29.43 15.08 10.66
C LYS A 1282 30.32 13.85 10.46
N TRP A 1283 30.12 12.83 11.29
CA TRP A 1283 30.84 11.54 11.14
C TRP A 1283 30.51 10.82 9.81
N ARG A 1284 29.26 10.96 9.36
CA ARG A 1284 28.80 10.39 8.08
C ARG A 1284 29.38 11.11 6.86
N LYS A 1285 29.53 12.43 6.96
CA LYS A 1285 30.04 13.26 5.86
C LYS A 1285 31.53 13.05 5.54
N ALA A 1286 32.28 12.46 6.47
CA ALA A 1286 33.70 12.13 6.24
C ALA A 1286 33.95 11.03 5.17
N PHE A 1287 32.98 10.12 5.01
CA PHE A 1287 33.12 8.96 4.11
C PHE A 1287 32.46 9.17 2.75
N GLY A 1288 32.83 8.30 1.81
CA GLY A 1288 32.20 8.22 0.48
C GLY A 1288 31.87 6.78 0.12
N VAL A 1289 30.58 6.44 0.15
CA VAL A 1289 30.13 5.04 0.05
C VAL A 1289 29.69 4.68 -1.37
N VAL A 1290 30.01 3.45 -1.78
CA VAL A 1290 29.51 2.84 -3.01
C VAL A 1290 29.08 1.42 -2.63
N PRO A 1291 27.80 1.22 -2.28
CA PRO A 1291 27.38 -0.03 -1.66
C PRO A 1291 27.23 -1.23 -2.62
N GLN A 1292 26.97 -2.39 -2.03
CA GLN A 1292 26.71 -3.64 -2.75
C GLN A 1292 25.50 -3.50 -3.67
N LYS A 1293 24.39 -3.05 -3.08
CA LYS A 1293 23.13 -2.83 -3.79
C LYS A 1293 23.05 -1.37 -4.24
N VAL A 1294 23.08 -1.16 -5.56
CA VAL A 1294 22.92 0.18 -6.14
C VAL A 1294 21.48 0.70 -5.96
N PHE A 1295 21.34 2.02 -5.93
CA PHE A 1295 20.05 2.68 -5.69
C PHE A 1295 19.85 3.85 -6.67
N ILE A 1296 19.01 3.63 -7.68
CA ILE A 1296 18.68 4.66 -8.69
C ILE A 1296 17.18 4.92 -8.69
N PHE A 1297 16.79 6.09 -8.19
CA PHE A 1297 15.38 6.42 -7.92
C PHE A 1297 14.74 7.20 -9.08
N THR A 1298 13.42 7.34 -9.02
CA THR A 1298 12.66 7.99 -10.11
C THR A 1298 12.93 9.50 -10.21
N GLY A 1299 13.27 9.95 -11.42
CA GLY A 1299 13.63 11.36 -11.67
C GLY A 1299 14.68 11.49 -12.76
N PRO A 1300 15.23 12.70 -12.94
CA PRO A 1300 16.30 12.93 -13.92
C PRO A 1300 17.70 12.65 -13.36
N LEU A 1301 18.68 12.55 -14.25
CA LEU A 1301 20.09 12.31 -13.88
C LEU A 1301 20.72 13.43 -13.04
N ARG A 1302 20.25 14.67 -13.23
CA ARG A 1302 20.61 15.80 -12.38
C ARG A 1302 20.30 15.53 -10.91
N MET A 1303 19.11 14.99 -10.65
CA MET A 1303 18.68 14.66 -9.29
C MET A 1303 19.38 13.41 -8.74
N ASN A 1304 19.69 12.45 -9.62
CA ASN A 1304 20.45 11.25 -9.23
C ASN A 1304 21.90 11.55 -8.88
N LEU A 1305 22.63 12.16 -9.82
CA LEU A 1305 24.07 12.45 -9.64
C LEU A 1305 24.38 13.43 -8.50
N ASP A 1306 23.48 14.38 -8.26
CA ASP A 1306 23.63 15.37 -7.19
C ASP A 1306 22.24 15.82 -6.70
N PRO A 1307 21.69 15.14 -5.67
CA PRO A 1307 20.41 15.49 -5.06
C PRO A 1307 20.27 16.92 -4.49
N TYR A 1308 21.39 17.49 -4.01
CA TYR A 1308 21.40 18.88 -3.51
C TYR A 1308 21.09 19.88 -4.63
N GLY A 1309 21.86 19.77 -5.71
CA GLY A 1309 21.75 20.66 -6.87
C GLY A 1309 22.66 21.86 -6.72
N CYS A 1310 23.93 21.60 -6.43
CA CYS A 1310 24.93 22.65 -6.15
C CYS A 1310 26.21 22.44 -6.97
N HIS A 1311 26.03 22.14 -8.25
CA HIS A 1311 27.15 21.90 -9.18
C HIS A 1311 26.86 22.42 -10.58
N SER A 1312 27.92 22.72 -11.32
CA SER A 1312 27.83 23.20 -12.70
C SER A 1312 27.61 22.04 -13.66
N ASP A 1313 27.11 22.36 -14.86
CA ASP A 1313 26.86 21.35 -15.89
C ASP A 1313 28.16 20.77 -16.46
N GLU A 1314 29.11 21.64 -16.78
CA GLU A 1314 30.43 21.21 -17.28
C GLU A 1314 31.23 20.45 -16.21
N GLU A 1315 30.97 20.76 -14.93
CA GLU A 1315 31.51 20.00 -13.81
C GLU A 1315 30.94 18.57 -13.77
N LEU A 1316 29.63 18.44 -14.03
CA LEU A 1316 28.99 17.12 -14.21
C LEU A 1316 29.51 16.39 -15.46
N TRP A 1317 29.70 17.13 -16.56
CA TRP A 1317 30.30 16.55 -17.78
C TRP A 1317 31.75 16.13 -17.59
N ARG A 1318 32.48 16.84 -16.73
CA ARG A 1318 33.87 16.49 -16.41
C ARG A 1318 33.95 15.12 -15.74
N VAL A 1319 33.10 14.90 -14.73
CA VAL A 1319 33.07 13.61 -14.01
C VAL A 1319 32.51 12.46 -14.86
N ALA A 1320 31.59 12.78 -15.78
CA ALA A 1320 31.09 11.82 -16.77
C ALA A 1320 32.17 11.35 -17.77
N GLU A 1321 33.12 12.23 -18.08
CA GLU A 1321 34.34 11.85 -18.83
C GLU A 1321 35.34 11.14 -17.94
N GLU A 1322 35.46 11.62 -16.70
CA GLU A 1322 36.38 11.08 -15.70
C GLU A 1322 36.10 9.62 -15.35
N VAL A 1323 34.83 9.30 -15.09
CA VAL A 1323 34.39 7.93 -14.76
C VAL A 1323 34.50 6.98 -15.96
N GLY A 1324 34.20 7.49 -17.15
CA GLY A 1324 34.08 6.66 -18.36
C GLY A 1324 32.63 6.30 -18.66
N LEU A 1325 31.75 7.30 -18.54
CA LEU A 1325 30.31 7.18 -18.72
C LEU A 1325 29.74 8.27 -19.66
N LYS A 1326 30.61 9.01 -20.34
CA LYS A 1326 30.20 10.22 -21.07
C LYS A 1326 29.33 9.94 -22.28
N THR A 1327 29.85 9.12 -23.20
CA THR A 1327 29.20 8.86 -24.49
C THR A 1327 27.77 8.30 -24.37
N VAL A 1328 27.58 7.31 -23.50
CA VAL A 1328 26.27 6.63 -23.34
C VAL A 1328 25.15 7.59 -22.92
N ILE A 1329 25.51 8.64 -22.18
CA ILE A 1329 24.59 9.73 -21.84
C ILE A 1329 24.25 10.57 -23.08
N GLU A 1330 25.25 10.84 -23.93
CA GLU A 1330 25.06 11.66 -25.14
C GLU A 1330 24.09 11.04 -26.17
N GLN A 1331 23.96 9.72 -26.16
CA GLN A 1331 23.03 9.01 -27.04
C GLN A 1331 21.55 9.21 -26.68
N PHE A 1332 21.26 9.52 -25.42
CA PHE A 1332 19.88 9.74 -24.96
C PHE A 1332 19.33 11.10 -25.42
N PRO A 1333 17.99 11.22 -25.55
CA PRO A 1333 17.34 12.52 -25.77
C PRO A 1333 17.13 13.27 -24.45
N ASP A 1334 17.35 14.58 -24.47
CA ASP A 1334 17.42 15.42 -23.26
C ASP A 1334 18.52 14.89 -22.34
N LYS A 1335 19.73 14.86 -22.89
CA LYS A 1335 20.90 14.14 -22.32
C LYS A 1335 21.00 14.03 -20.79
N LEU A 1336 20.93 15.15 -20.09
CA LEU A 1336 21.04 15.19 -18.62
C LEU A 1336 19.70 15.26 -17.86
N ASP A 1337 18.62 15.55 -18.59
CA ASP A 1337 17.26 15.51 -18.03
C ASP A 1337 16.48 14.31 -18.57
N PHE A 1338 17.17 13.18 -18.72
CA PHE A 1338 16.54 11.94 -19.17
C PHE A 1338 15.79 11.34 -18.00
N GLN A 1339 14.50 11.07 -18.19
CA GLN A 1339 13.66 10.50 -17.14
C GLN A 1339 14.08 9.05 -16.85
N LEU A 1340 14.70 8.86 -15.69
CA LEU A 1340 15.24 7.56 -15.28
C LEU A 1340 14.32 6.91 -14.26
N GLU A 1341 13.77 5.74 -14.61
CA GLU A 1341 12.81 5.01 -13.77
C GLU A 1341 13.51 4.00 -12.88
N TYR A 1342 12.77 3.47 -11.90
CA TYR A 1342 13.28 2.45 -10.99
C TYR A 1342 13.27 1.07 -11.65
N GLY A 1343 14.43 0.42 -11.67
CA GLY A 1343 14.63 -0.83 -12.38
C GLY A 1343 14.70 -0.58 -13.88
N GLY A 1344 13.73 -1.13 -14.62
CA GLY A 1344 13.63 -0.94 -16.05
C GLY A 1344 14.72 -1.65 -16.84
N TYR A 1345 15.03 -1.10 -18.00
CA TYR A 1345 16.07 -1.63 -18.91
C TYR A 1345 16.93 -0.56 -19.62
N VAL A 1346 16.82 0.69 -19.19
CA VAL A 1346 17.44 1.83 -19.92
C VAL A 1346 18.96 1.88 -19.74
N LEU A 1347 19.43 1.55 -18.54
CA LEU A 1347 20.86 1.43 -18.24
C LEU A 1347 21.18 0.02 -17.79
N SER A 1348 22.29 -0.52 -18.27
CA SER A 1348 22.76 -1.85 -17.86
C SER A 1348 23.32 -1.82 -16.44
N ASN A 1349 23.59 -3.01 -15.90
CA ASN A 1349 24.04 -3.14 -14.51
C ASN A 1349 25.35 -2.41 -14.23
N GLY A 1350 26.31 -2.57 -15.14
CA GLY A 1350 27.60 -1.89 -15.05
C GLY A 1350 27.48 -0.37 -14.96
N HIS A 1351 26.54 0.19 -15.72
CA HIS A 1351 26.32 1.64 -15.72
C HIS A 1351 25.80 2.14 -14.37
N LYS A 1352 25.03 1.30 -13.67
CA LYS A 1352 24.52 1.64 -12.35
C LYS A 1352 25.63 1.76 -11.29
N GLN A 1353 26.66 0.92 -11.41
CA GLN A 1353 27.90 1.11 -10.61
C GLN A 1353 28.60 2.41 -11.01
N LEU A 1354 28.81 2.57 -12.32
CA LEU A 1354 29.42 3.79 -12.89
C LEU A 1354 28.75 5.08 -12.38
N ILE A 1355 27.43 5.06 -12.24
CA ILE A 1355 26.71 6.17 -11.62
C ILE A 1355 27.08 6.26 -10.13
N CYS A 1356 27.00 5.13 -9.42
CA CYS A 1356 27.30 5.08 -7.98
C CYS A 1356 28.71 5.58 -7.62
N LEU A 1357 29.68 5.39 -8.52
CA LEU A 1357 31.01 6.02 -8.39
C LEU A 1357 30.91 7.54 -8.49
N ALA A 1358 30.20 8.00 -9.52
CA ALA A 1358 30.01 9.46 -9.76
C ALA A 1358 29.38 10.22 -8.58
N ARG A 1359 28.63 9.52 -7.73
CA ARG A 1359 28.17 10.08 -6.47
C ARG A 1359 29.34 10.43 -5.56
N SER A 1360 30.25 9.46 -5.39
CA SER A 1360 31.42 9.61 -4.51
C SER A 1360 32.47 10.60 -5.02
N ILE A 1361 32.47 10.89 -6.32
CA ILE A 1361 33.33 11.94 -6.89
C ILE A 1361 32.87 13.30 -6.35
N LEU A 1362 31.59 13.60 -6.53
CA LEU A 1362 30.99 14.87 -6.10
C LEU A 1362 30.86 15.04 -4.58
N SER A 1363 30.86 13.94 -3.83
CA SER A 1363 30.71 13.97 -2.37
C SER A 1363 31.77 14.82 -1.66
N GLY A 1364 33.02 14.71 -2.12
CA GLY A 1364 34.12 15.50 -1.57
C GLY A 1364 34.58 15.01 -0.21
N ALA A 1365 34.89 13.72 -0.14
CA ALA A 1365 35.28 13.04 1.10
C ALA A 1365 36.73 12.59 1.04
N ARG A 1366 37.34 12.42 2.22
CA ARG A 1366 38.71 11.93 2.36
C ARG A 1366 38.75 10.41 2.22
N ILE A 1367 37.87 9.73 2.95
CA ILE A 1367 37.79 8.26 2.94
C ILE A 1367 36.73 7.79 1.95
N LEU A 1368 37.09 6.76 1.17
CA LEU A 1368 36.18 6.12 0.22
C LEU A 1368 36.00 4.63 0.51
N LEU A 1369 34.75 4.20 0.65
CA LEU A 1369 34.40 2.80 0.88
C LEU A 1369 33.82 2.23 -0.42
N LEU A 1370 34.47 1.18 -0.94
CA LEU A 1370 34.08 0.56 -2.21
C LEU A 1370 33.78 -0.94 -2.05
N ASP A 1371 32.49 -1.29 -2.17
CA ASP A 1371 31.98 -2.65 -2.00
C ASP A 1371 31.68 -3.29 -3.37
N GLN A 1372 32.69 -3.97 -3.92
CA GLN A 1372 32.65 -4.60 -5.24
C GLN A 1372 32.22 -3.67 -6.40
N PRO A 1373 33.13 -2.76 -6.82
CA PRO A 1373 32.92 -1.95 -8.03
C PRO A 1373 32.81 -2.78 -9.32
N SER A 1374 33.73 -3.73 -9.50
CA SER A 1374 33.73 -4.61 -10.68
C SER A 1374 32.78 -5.80 -10.49
N ALA A 1375 31.48 -5.51 -10.53
CA ALA A 1375 30.43 -6.51 -10.33
C ALA A 1375 29.95 -7.01 -11.68
N HIS A 1376 29.45 -6.08 -12.50
CA HIS A 1376 28.97 -6.38 -13.86
C HIS A 1376 29.76 -5.58 -14.90
N LEU A 1377 31.05 -5.39 -14.64
CA LEU A 1377 31.95 -4.65 -15.52
C LEU A 1377 32.82 -5.62 -16.33
N ASP A 1378 33.10 -5.22 -17.58
CA ASP A 1378 33.94 -6.02 -18.47
C ASP A 1378 35.41 -5.84 -18.11
N PRO A 1379 36.29 -6.77 -18.57
CA PRO A 1379 37.74 -6.54 -18.46
C PRO A 1379 38.24 -5.28 -19.20
N VAL A 1380 37.65 -5.00 -20.36
CA VAL A 1380 38.00 -3.80 -21.15
C VAL A 1380 37.68 -2.50 -20.41
N THR A 1381 36.56 -2.49 -19.69
CA THR A 1381 36.07 -1.27 -18.99
C THR A 1381 36.92 -0.88 -17.76
N ILE A 1382 37.45 -1.89 -17.05
CA ILE A 1382 38.26 -1.66 -15.85
C ILE A 1382 39.60 -0.97 -16.19
N LYS A 1383 40.20 -1.35 -17.33
CA LYS A 1383 41.49 -0.78 -17.77
C LYS A 1383 41.36 0.70 -18.14
N VAL A 1384 40.34 1.01 -18.94
CA VAL A 1384 40.01 2.40 -19.27
C VAL A 1384 39.48 3.18 -18.04
N LEU A 1385 38.83 2.48 -17.11
CA LEU A 1385 38.44 3.08 -15.83
C LEU A 1385 39.67 3.51 -15.04
N LYS A 1386 40.51 2.55 -14.67
CA LYS A 1386 41.71 2.81 -13.83
C LYS A 1386 42.68 3.87 -14.40
N LYS A 1387 42.79 3.92 -15.72
CA LYS A 1387 43.69 4.86 -16.41
C LYS A 1387 43.39 6.32 -16.05
N THR A 1388 42.12 6.71 -16.18
CA THR A 1388 41.65 8.07 -15.88
C THR A 1388 41.16 8.26 -14.42
N LEU A 1389 40.69 7.18 -13.80
CA LEU A 1389 40.13 7.26 -12.44
C LEU A 1389 41.18 7.58 -11.36
N ARG A 1390 42.40 7.06 -11.52
CA ARG A 1390 43.45 7.23 -10.50
C ARG A 1390 44.09 8.63 -10.43
N GLN A 1391 43.80 9.50 -11.40
CA GLN A 1391 44.15 10.92 -11.33
C GLN A 1391 43.05 11.80 -10.70
N SER A 1392 41.82 11.29 -10.66
CA SER A 1392 40.70 11.98 -9.99
C SER A 1392 40.83 11.84 -8.47
N PHE A 1393 40.90 10.60 -8.00
CA PHE A 1393 41.18 10.30 -6.59
C PHE A 1393 42.68 10.37 -6.31
N SER A 1394 43.19 11.60 -6.28
CA SER A 1394 44.62 11.87 -6.08
C SER A 1394 44.97 11.96 -4.60
N THR A 1395 44.11 12.65 -3.85
CA THR A 1395 44.36 12.97 -2.44
C THR A 1395 43.19 12.48 -1.57
N CYS A 1396 43.06 11.17 -1.50
CA CYS A 1396 42.01 10.51 -0.71
C CYS A 1396 42.27 9.02 -0.48
N THR A 1397 41.92 8.54 0.71
CA THR A 1397 42.06 7.14 1.10
C THR A 1397 40.92 6.29 0.50
N ILE A 1398 41.25 5.06 0.13
CA ILE A 1398 40.27 4.13 -0.50
C ILE A 1398 40.35 2.75 0.16
N LEU A 1399 39.18 2.15 0.38
CA LEU A 1399 39.06 0.79 0.93
C LEU A 1399 38.27 -0.11 -0.02
N LEU A 1400 38.99 -0.83 -0.88
CA LEU A 1400 38.38 -1.73 -1.87
C LEU A 1400 38.01 -3.05 -1.21
N SER A 1401 37.08 -3.77 -1.84
CA SER A 1401 36.74 -5.13 -1.42
C SER A 1401 36.13 -5.90 -2.59
N GLU A 1402 37.01 -6.60 -3.32
CA GLU A 1402 36.65 -7.30 -4.57
C GLU A 1402 37.19 -8.73 -4.58
N HIS A 1403 36.52 -9.56 -5.38
CA HIS A 1403 36.98 -10.93 -5.67
C HIS A 1403 37.89 -10.98 -6.89
N LYS A 1404 37.64 -10.11 -7.88
CA LYS A 1404 38.53 -9.97 -9.04
C LYS A 1404 39.87 -9.40 -8.58
N VAL A 1405 40.95 -9.97 -9.14
CA VAL A 1405 42.32 -9.64 -8.74
C VAL A 1405 42.87 -8.44 -9.52
N GLU A 1406 42.59 -8.38 -10.83
CA GLU A 1406 43.17 -7.33 -11.69
C GLU A 1406 42.84 -5.87 -11.34
N PRO A 1407 41.65 -5.60 -10.74
CA PRO A 1407 41.46 -4.25 -10.17
C PRO A 1407 42.17 -4.08 -8.83
N LEU A 1408 42.32 -5.18 -8.09
CA LEU A 1408 42.84 -5.17 -6.73
C LEU A 1408 44.36 -5.01 -6.63
N LEU A 1409 45.10 -5.54 -7.60
CA LEU A 1409 46.58 -5.58 -7.53
C LEU A 1409 47.28 -4.23 -7.69
N GLU A 1410 46.54 -3.17 -8.05
CA GLU A 1410 47.10 -1.81 -8.11
C GLU A 1410 47.51 -1.27 -6.74
N CYS A 1411 46.65 -1.48 -5.74
CA CYS A 1411 46.77 -0.83 -4.43
C CYS A 1411 47.96 -1.34 -3.60
N GLN A 1412 48.29 -0.57 -2.56
CA GLN A 1412 49.53 -0.76 -1.81
C GLN A 1412 49.41 -1.84 -0.74
N SER A 1413 48.73 -1.53 0.37
CA SER A 1413 48.58 -2.46 1.49
C SER A 1413 47.44 -3.43 1.24
N PHE A 1414 47.52 -4.59 1.90
CA PHE A 1414 46.50 -5.63 1.79
C PHE A 1414 46.17 -6.19 3.16
N LEU A 1415 44.90 -6.54 3.37
CA LEU A 1415 44.46 -7.17 4.62
C LEU A 1415 43.33 -8.15 4.33
N MET A 1416 43.47 -9.37 4.86
CA MET A 1416 42.51 -10.45 4.61
C MET A 1416 41.65 -10.70 5.84
N MET A 1417 40.38 -11.05 5.60
CA MET A 1417 39.43 -11.31 6.68
C MET A 1417 39.30 -12.82 6.90
N ASP A 1418 39.50 -13.25 8.14
CA ASP A 1418 39.51 -14.66 8.52
C ASP A 1418 38.30 -14.98 9.41
N LYS A 1419 38.30 -16.13 10.08
CA LYS A 1419 37.23 -16.55 10.99
C LYS A 1419 36.81 -15.49 12.02
N GLY A 1420 37.80 -14.83 12.61
CA GLY A 1420 37.59 -13.87 13.70
C GLY A 1420 37.93 -12.42 13.38
N GLN A 1421 39.17 -12.21 12.92
CA GLN A 1421 39.77 -10.89 12.82
C GLN A 1421 40.65 -10.74 11.57
N VAL A 1422 41.08 -9.52 11.33
CA VAL A 1422 41.96 -9.16 10.21
C VAL A 1422 43.44 -9.42 10.55
N LYS A 1423 44.19 -9.91 9.57
CA LYS A 1423 45.65 -9.95 9.61
C LYS A 1423 46.21 -9.32 8.33
N THR A 1424 47.21 -8.46 8.51
CA THR A 1424 47.63 -7.50 7.47
C THR A 1424 48.93 -7.90 6.79
N TYR A 1425 49.10 -7.41 5.56
CA TYR A 1425 50.30 -7.66 4.74
C TYR A 1425 50.66 -6.46 3.87
N ASP A 1426 51.96 -6.33 3.56
CA ASP A 1426 52.48 -5.27 2.69
C ASP A 1426 52.13 -5.54 1.23
N SER A 1427 52.57 -6.69 0.73
CA SER A 1427 52.46 -7.07 -0.69
C SER A 1427 51.65 -8.34 -0.94
N ILE A 1428 51.34 -8.56 -2.21
CA ILE A 1428 50.63 -9.77 -2.67
C ILE A 1428 51.50 -11.03 -2.51
N GLN A 1429 52.80 -10.86 -2.75
CA GLN A 1429 53.78 -11.96 -2.65
C GLN A 1429 53.76 -12.57 -1.25
N LYS A 1430 53.74 -11.70 -0.24
CA LYS A 1430 53.56 -12.13 1.14
C LYS A 1430 52.18 -12.74 1.37
N LEU A 1431 51.14 -12.01 0.96
CA LEU A 1431 49.74 -12.43 1.16
C LEU A 1431 49.44 -13.84 0.66
N LEU A 1432 49.70 -14.07 -0.63
CA LEU A 1432 49.38 -15.36 -1.26
C LEU A 1432 50.22 -16.55 -0.72
N ASN A 1433 51.48 -16.30 -0.38
CA ASN A 1433 52.34 -17.33 0.22
C ASN A 1433 51.98 -17.62 1.68
N GLU A 1434 51.65 -16.56 2.42
CA GLU A 1434 51.13 -16.69 3.80
C GLU A 1434 49.78 -17.39 3.85
N THR A 1435 48.92 -17.10 2.87
CA THR A 1435 47.64 -17.82 2.71
C THR A 1435 47.91 -19.27 2.31
N SER A 1436 47.12 -20.19 2.85
CA SER A 1436 47.35 -21.65 2.72
C SER A 1436 46.61 -22.27 1.52
N HIS A 1437 46.94 -21.78 0.32
CA HIS A 1437 46.40 -22.27 -0.95
C HIS A 1437 44.86 -22.19 -1.10
N LEU A 1438 44.24 -21.26 -0.38
CA LEU A 1438 42.84 -20.86 -0.63
C LEU A 1438 42.76 -19.72 -1.65
N LYS A 1439 43.91 -19.17 -2.02
CA LYS A 1439 44.05 -18.25 -3.18
C LYS A 1439 45.24 -18.55 -4.12
N GLN A 1440 46.30 -19.18 -3.60
CA GLN A 1440 47.55 -19.42 -4.36
C GLN A 1440 47.35 -20.41 -5.50
N ALA A 1441 46.74 -21.55 -5.16
CA ALA A 1441 46.40 -22.59 -6.15
C ALA A 1441 45.09 -22.35 -6.91
N ILE A 1442 44.47 -21.18 -6.69
CA ILE A 1442 43.16 -20.83 -7.27
C ILE A 1442 43.30 -19.94 -8.51
N SER A 1443 44.15 -18.92 -8.43
CA SER A 1443 44.37 -17.97 -9.53
C SER A 1443 44.92 -18.66 -10.78
N PRO A 1444 44.51 -18.19 -11.98
CA PRO A 1444 44.78 -18.93 -13.21
C PRO A 1444 46.21 -18.77 -13.72
N ALA A 1445 46.51 -19.45 -14.83
CA ALA A 1445 47.83 -19.43 -15.47
C ALA A 1445 48.31 -18.04 -15.90
N GLU A 1446 47.37 -17.13 -16.19
CA GLU A 1446 47.70 -15.75 -16.61
C GLU A 1446 48.30 -14.91 -15.48
N ARG A 1447 47.86 -15.15 -14.24
CA ARG A 1447 48.44 -14.52 -13.05
C ARG A 1447 49.61 -15.33 -12.47
N LEU A 1448 49.58 -16.64 -12.69
CA LEU A 1448 50.77 -17.49 -12.47
C LEU A 1448 51.85 -17.25 -13.54
N LYS A 1449 51.55 -16.47 -14.60
CA LYS A 1449 52.61 -16.01 -15.50
C LYS A 1449 53.45 -14.90 -14.86
N LEU A 1450 52.79 -13.89 -14.32
CA LEU A 1450 53.45 -12.75 -13.65
C LEU A 1450 53.94 -13.06 -12.23
N PHE A 1451 53.20 -13.87 -11.49
CA PHE A 1451 53.53 -14.18 -10.08
C PHE A 1451 54.82 -15.00 -9.84
N PRO A 1452 54.99 -16.18 -10.51
CA PRO A 1452 56.18 -16.98 -10.33
C PRO A 1452 57.28 -16.58 -11.31
N ARG A 1453 57.22 -15.36 -11.84
CA ARG A 1453 58.17 -14.89 -12.82
C ARG A 1453 59.58 -14.90 -12.26
N ARG A 1454 59.76 -14.54 -11.00
CA ARG A 1454 61.10 -14.40 -10.42
C ARG A 1454 61.73 -15.73 -10.00
N ASN A 1455 60.93 -16.63 -9.44
CA ASN A 1455 61.39 -17.97 -9.06
C ASN A 1455 61.68 -18.83 -10.29
N SER A 1456 60.65 -19.01 -11.12
CA SER A 1456 60.74 -19.83 -12.35
C SER A 1456 61.66 -19.28 -13.42
N SER A 1457 61.79 -17.94 -13.49
CA SER A 1457 62.71 -17.30 -14.45
C SER A 1457 64.15 -17.19 -13.91
N MET A 1458 64.55 -18.15 -13.07
CA MET A 1458 65.90 -18.20 -12.53
C MET A 1458 66.93 -18.28 -13.67
PG ATP B . 24.30 -7.48 -18.71
O1G ATP B . 25.66 -7.40 -19.36
O2G ATP B . 23.93 -6.28 -17.85
O3G ATP B . 23.99 -8.82 -18.09
PB ATP B . 23.03 -8.61 -20.89
O1B ATP B . 24.36 -9.19 -21.30
O2B ATP B . 22.00 -9.48 -20.21
O3B ATP B . 23.28 -7.35 -19.94
PA ATP B . 20.81 -7.57 -22.19
O1A ATP B . 20.52 -6.81 -20.91
O2A ATP B . 20.04 -8.83 -22.52
O3A ATP B . 22.37 -7.95 -22.19
O5' ATP B . 20.74 -6.56 -23.43
C5' ATP B . 19.53 -6.36 -24.17
C4' ATP B . 19.17 -4.89 -24.25
O4' ATP B . 17.75 -4.78 -24.45
C3' ATP B . 19.51 -4.06 -23.02
O3' ATP B . 20.62 -3.20 -23.29
C2' ATP B . 18.25 -3.30 -22.67
O2' ATP B . 18.30 -1.94 -23.09
C1' ATP B . 17.13 -4.03 -23.40
N9 ATP B . 16.41 -4.95 -22.48
C8 ATP B . 16.95 -5.92 -21.72
N7 ATP B . 15.99 -6.57 -21.00
C5 ATP B . 14.80 -6.02 -21.32
C6 ATP B . 13.38 -6.22 -20.93
N6 ATP B . 13.03 -7.18 -20.05
N1 ATP B . 12.45 -5.43 -21.51
C2 ATP B . 12.77 -4.46 -22.40
N3 ATP B . 14.04 -4.23 -22.79
C4 ATP B . 15.08 -4.96 -22.30
PG ATP C . 29.71 -11.20 0.31
O1G ATP C . 31.19 -11.50 0.17
O2G ATP C . 29.32 -9.83 -0.19
O3G ATP C . 28.81 -12.32 -0.15
PB ATP C . 30.06 -10.01 2.82
O1B ATP C . 31.56 -10.08 2.75
O2B ATP C . 29.37 -8.71 2.49
O3B ATP C . 29.44 -11.17 1.89
PA ATP C . 28.48 -9.67 5.10
O1A ATP C . 29.09 -8.37 5.53
O2A ATP C . 27.22 -9.68 4.26
O3A ATP C . 29.59 -10.50 4.28
O5' ATP C . 28.24 -10.57 6.41
C5' ATP C . 28.24 -11.99 6.33
C4' ATP C . 27.52 -12.61 7.53
O4' ATP C . 26.90 -11.58 8.32
C3' ATP C . 26.43 -13.62 7.15
O3' ATP C . 26.77 -14.91 7.66
C2' ATP C . 25.14 -13.10 7.74
O2' ATP C . 24.49 -14.04 8.58
C1' ATP C . 25.52 -11.85 8.54
N9 ATP C . 24.69 -10.69 8.11
C8 ATP C . 24.88 -9.97 6.99
N7 ATP C . 23.94 -8.99 6.89
C5 ATP C . 23.14 -9.09 7.95
C6 ATP C . 21.96 -8.36 8.45
N6 ATP C . 21.44 -7.32 7.76
N1 ATP C . 21.40 -8.78 9.61
C2 ATP C . 21.90 -9.83 10.31
N3 ATP C . 22.99 -10.53 9.90
C4 ATP C . 23.63 -10.22 8.76
MG MG D . 22.25 -10.20 -18.37
MG MG E . 28.92 -7.88 0.80
#